data_5AE8
#
_entry.id   5AE8
#
_cell.length_a   142.958
_cell.length_b   64.398
_cell.length_c   116.795
_cell.angle_alpha   90.00
_cell.angle_beta   103.17
_cell.angle_gamma   90.00
#
_symmetry.space_group_name_H-M   'C 1 2 1'
#
loop_
_entity.id
_entity.type
_entity.pdbx_description
1 polymer 'Phosphatidylinositol 4,5-bisphosphate 3-kinase catalytic subunit delta isoform'
2 non-polymer 6-(1H-Indol-4-yl)-4-(5-{[4-(1-methylethyl)-1-piperazinyl]methyl}-1,3-oxazol-2-yl)-1H-indazole
3 water water
#
_entity_poly.entity_id   1
_entity_poly.type   'polypeptide(L)'
_entity_poly.pdbx_seq_one_letter_code
;GGDRVKKLINSQISLLIGKGLHEFDSLRDPEVNDFRTKMRQFCEEAAAHRQQLGWVEWLQYSFPLQLEPSARGWRAGLLR
VSNRALLVNVKFEGSEESFTFQVSTKDMPLALMACALRKKATVFRQPLVEQPEEYALQVNGRHEYLYGNYPLCHFQYICS
CLHSGLTPHLTMVHSSSILAMRDEQSNPAPQVQKPRAKPPPIPAKKPSSVSLWSLEQPFSIELIEGRKVNADERMKLVVQ
AGLFHGNEMLCKTVSSSEVNVCSEPVWKQRLEFDISVCDLPRMARLCFALYAVVEKAKKARSTKKKSKKADCPIAWANLM
LFDYKDQLKTGERCLYMWPSVPDEKGELLNPAGTVRGNPNTESAAALVIYLPEVAPHPVYFPALEKILELGRHGERGRIT
EEEQLQLREILERRGSGELYEHEKDLVWKMRHEVQEHFPEALARLLLVTKWNKHEDVAQMLYLLCSWPELPVLSALELLD
FSFPDCYVGSFAIKSLRKLTDDELFQYLLQLVQVLKYESYLDCELTKFLLGRALANRKIGHFLFWHLRSEMHVPSVALRF
GLIMEAYCRGSTHHMKVLMKQGEALSKLKALNDFVKVSSQKTTKPQTKEMMHMCMRQETYMEALSHLQSPLDPSTLLEEV
CVEQCTFMDSKMKPLWIMYSSEEAGSAGNVGIIFKNGDDLRQDMLTLQMIQLMDVLWKQEGLDLRMTPYGCLPTGDRTGL
IEVVLHSDTIANIQLNKSNMAATAAFNKDALLNWLKSKNPGEALDRAIEEFTLSCAGYCVATYVLGIGDRHSDNIMIRES
GQLFHIDFGHFLGNFKTKFGINRERVPFILTYDFVHVIQQGKTNNSEKFERFRGYCERAYTILRRHGLLFLHLFALMRAA
GLPELSCSKDIQYLKDSLALGKTEEEALKHFRVKFNEALRESWKTKVNWLAHNVSKDNRQ
;
_entity_poly.pdbx_strand_id   A
#
loop_
_chem_comp.id
_chem_comp.type
_chem_comp.name
_chem_comp.formula
VVX non-polymer 6-(1H-Indol-4-yl)-4-(5-{[4-(1-methylethyl)-1-piperazinyl]methyl}-1,3-oxazol-2-yl)-1H-indazole 'C26 H28 N6 O'
#
# COMPACT_ATOMS: atom_id res chain seq x y z
N ARG A 4 5.21 36.33 8.56
CA ARG A 4 4.42 36.52 7.34
C ARG A 4 4.38 35.24 6.50
N VAL A 5 5.55 34.61 6.28
CA VAL A 5 5.66 33.37 5.52
C VAL A 5 5.35 32.15 6.43
N LYS A 6 5.69 32.24 7.73
CA LYS A 6 5.41 31.21 8.74
C LYS A 6 3.89 30.99 8.90
N LYS A 7 3.12 32.11 8.87
CA LYS A 7 1.65 32.08 8.96
C LYS A 7 1.04 31.53 7.67
N LEU A 8 1.60 31.89 6.50
CA LEU A 8 1.08 31.40 5.23
C LEU A 8 1.31 29.89 5.07
N ILE A 9 2.53 29.39 5.43
CA ILE A 9 2.91 27.99 5.37
C ILE A 9 1.94 27.13 6.20
N ASN A 10 1.66 27.54 7.46
CA ASN A 10 0.75 26.90 8.44
C ASN A 10 -0.67 26.81 7.93
N SER A 11 -1.20 27.91 7.36
CA SER A 11 -2.57 27.90 6.81
C SER A 11 -2.62 27.02 5.55
N GLN A 12 -1.52 26.99 4.76
CA GLN A 12 -1.40 26.17 3.56
C GLN A 12 -1.38 24.70 3.95
N ILE A 13 -0.56 24.32 4.97
CA ILE A 13 -0.47 22.96 5.54
C ILE A 13 -1.90 22.55 5.95
N SER A 14 -2.57 23.40 6.76
CA SER A 14 -3.96 23.20 7.21
C SER A 14 -4.96 22.85 6.09
N LEU A 15 -4.90 23.56 4.96
CA LEU A 15 -5.79 23.32 3.84
C LEU A 15 -5.41 22.03 3.16
N LEU A 16 -4.11 21.83 2.87
CA LEU A 16 -3.57 20.62 2.23
C LEU A 16 -3.90 19.32 2.98
N ILE A 17 -3.71 19.29 4.31
CA ILE A 17 -3.93 18.13 5.16
C ILE A 17 -5.45 17.93 5.49
N GLY A 18 -6.25 18.98 5.39
CA GLY A 18 -7.68 18.88 5.62
C GLY A 18 -8.09 18.81 7.07
N LYS A 19 -7.37 19.59 7.91
CA LYS A 19 -7.49 19.79 9.35
C LYS A 19 -6.60 20.99 9.73
N GLY A 20 -7.18 21.95 10.46
CA GLY A 20 -6.50 23.15 10.94
C GLY A 20 -5.46 22.80 12.00
N LEU A 21 -4.23 23.36 11.90
CA LEU A 21 -3.14 23.09 12.86
C LEU A 21 -3.50 23.55 14.26
N HIS A 22 -4.37 24.58 14.36
CA HIS A 22 -4.91 25.15 15.59
C HIS A 22 -5.69 24.08 16.38
N GLU A 23 -6.31 23.11 15.67
CA GLU A 23 -7.06 22.00 16.27
C GLU A 23 -6.14 21.07 17.11
N PHE A 24 -4.85 20.92 16.68
CA PHE A 24 -3.82 20.13 17.38
C PHE A 24 -3.46 20.79 18.72
N ASP A 25 -3.30 22.14 18.72
CA ASP A 25 -2.94 22.93 19.91
C ASP A 25 -4.06 22.91 20.93
N SER A 26 -5.33 22.96 20.47
CA SER A 26 -6.55 22.97 21.29
C SER A 26 -6.76 21.70 22.13
N LEU A 27 -6.09 20.57 21.77
CA LEU A 27 -6.17 19.29 22.48
C LEU A 27 -5.39 19.41 23.78
N ARG A 28 -4.32 20.24 23.77
CA ARG A 28 -3.40 20.51 24.87
C ARG A 28 -2.84 19.21 25.43
N ASP A 29 -2.42 18.32 24.52
CA ASP A 29 -1.90 17.00 24.80
C ASP A 29 -0.36 17.02 24.71
N PRO A 30 0.40 16.81 25.83
CA PRO A 30 1.87 16.85 25.72
C PRO A 30 2.46 15.84 24.73
N GLU A 31 1.82 14.65 24.52
CA GLU A 31 2.26 13.64 23.54
C GLU A 31 2.26 14.20 22.13
N VAL A 32 1.18 14.93 21.79
CA VAL A 32 0.94 15.59 20.50
C VAL A 32 1.92 16.75 20.32
N ASN A 33 2.23 17.45 21.42
CA ASN A 33 3.11 18.60 21.44
C ASN A 33 4.57 18.23 21.31
N ASP A 34 4.93 17.02 21.73
CA ASP A 34 6.31 16.52 21.63
C ASP A 34 6.53 15.98 20.28
N PHE A 35 5.50 15.31 19.69
CA PHE A 35 5.59 14.83 18.33
C PHE A 35 5.88 15.97 17.36
N ARG A 36 5.08 17.06 17.40
CA ARG A 36 5.24 18.19 16.46
C ARG A 36 6.61 18.88 16.59
N THR A 37 7.19 18.94 17.81
CA THR A 37 8.49 19.58 18.01
C THR A 37 9.66 18.66 17.57
N LYS A 38 9.67 17.40 18.02
CA LYS A 38 10.70 16.43 17.66
C LYS A 38 10.66 16.06 16.16
N MET A 39 9.46 16.04 15.54
CA MET A 39 9.37 15.69 14.11
C MET A 39 9.60 16.89 13.19
N ARG A 40 9.25 18.13 13.63
CA ARG A 40 9.58 19.36 12.88
C ARG A 40 11.11 19.45 12.72
N GLN A 41 11.86 19.27 13.82
CA GLN A 41 13.32 19.29 13.87
C GLN A 41 13.90 18.20 12.95
N PHE A 42 13.47 16.95 13.14
CA PHE A 42 13.88 15.81 12.30
C PHE A 42 13.61 16.05 10.81
N CYS A 43 12.49 16.70 10.44
CA CYS A 43 12.15 16.93 9.02
C CYS A 43 12.87 18.14 8.41
N GLU A 44 13.12 19.19 9.22
CA GLU A 44 13.90 20.39 8.85
C GLU A 44 15.39 20.07 8.63
N GLU A 45 15.91 19.04 9.34
CA GLU A 45 17.31 18.60 9.22
C GLU A 45 17.47 17.84 7.90
N ALA A 46 16.44 17.07 7.53
CA ALA A 46 16.37 16.31 6.27
C ALA A 46 16.36 17.29 5.08
N ALA A 47 15.62 18.42 5.21
CA ALA A 47 15.50 19.49 4.24
C ALA A 47 16.83 20.19 3.98
N ALA A 48 17.57 20.52 5.06
CA ALA A 48 18.87 21.23 5.02
C ALA A 48 19.93 20.36 4.36
N HIS A 49 19.86 19.05 4.63
CA HIS A 49 20.72 18.02 4.07
C HIS A 49 20.50 17.93 2.57
N ARG A 50 19.26 18.21 2.12
CA ARG A 50 18.85 18.09 0.72
C ARG A 50 19.24 19.28 -0.14
N GLN A 51 19.23 20.47 0.44
CA GLN A 51 19.54 21.71 -0.28
C GLN A 51 20.98 21.84 -0.68
N GLN A 52 21.83 20.93 -0.15
CA GLN A 52 23.27 20.87 -0.37
C GLN A 52 23.74 19.57 -1.06
N LEU A 53 22.80 18.68 -1.48
CA LEU A 53 23.12 17.45 -2.21
C LEU A 53 23.78 17.80 -3.57
N GLY A 54 24.55 16.87 -4.13
CA GLY A 54 25.17 17.06 -5.43
C GLY A 54 24.10 17.10 -6.51
N TRP A 55 24.46 17.46 -7.74
CA TRP A 55 23.42 17.52 -8.78
C TRP A 55 22.86 16.12 -9.17
N VAL A 56 23.72 15.09 -9.32
CA VAL A 56 23.27 13.72 -9.62
C VAL A 56 22.44 13.21 -8.42
N GLU A 57 22.91 13.53 -7.18
CA GLU A 57 22.24 13.26 -5.91
C GLU A 57 20.84 13.90 -5.85
N TRP A 58 20.67 15.10 -6.47
CA TRP A 58 19.38 15.80 -6.55
C TRP A 58 18.37 15.03 -7.46
N LEU A 59 18.85 14.44 -8.58
CA LEU A 59 18.05 13.63 -9.50
C LEU A 59 17.57 12.38 -8.79
N GLN A 60 18.38 11.78 -7.88
CA GLN A 60 18.00 10.55 -7.19
C GLN A 60 16.89 10.78 -6.20
N TYR A 61 16.79 12.02 -5.69
CA TYR A 61 15.75 12.41 -4.74
C TYR A 61 14.43 12.68 -5.48
N SER A 62 14.46 13.64 -6.43
CA SER A 62 13.32 14.16 -7.18
C SER A 62 12.85 13.28 -8.34
N PHE A 63 13.78 12.59 -9.00
CA PHE A 63 13.52 11.75 -10.15
C PHE A 63 14.19 10.40 -9.95
N PRO A 64 13.78 9.58 -8.93
CA PRO A 64 14.42 8.25 -8.76
C PRO A 64 14.22 7.38 -9.98
N LEU A 65 15.23 6.61 -10.35
CA LEU A 65 15.25 5.77 -11.55
C LEU A 65 14.14 4.71 -11.62
N GLN A 66 13.54 4.60 -12.81
CA GLN A 66 12.48 3.64 -13.07
C GLN A 66 13.08 2.50 -13.87
N LEU A 67 13.53 1.49 -13.13
CA LEU A 67 14.23 0.35 -13.72
C LEU A 67 13.38 -0.90 -13.83
N GLU A 68 13.70 -1.71 -14.81
CA GLU A 68 13.07 -2.98 -15.07
C GLU A 68 13.39 -3.92 -13.89
N PRO A 69 12.42 -4.72 -13.39
CA PRO A 69 12.71 -5.65 -12.28
C PRO A 69 14.03 -6.42 -12.41
N SER A 70 14.44 -6.71 -13.68
CA SER A 70 15.70 -7.39 -14.06
C SER A 70 16.97 -6.53 -13.80
N ALA A 71 16.92 -5.22 -14.14
CA ALA A 71 18.02 -4.24 -13.97
C ALA A 71 18.57 -4.18 -12.54
N ASN A 83 23.91 -5.93 -29.88
CA ASN A 83 22.80 -6.73 -29.40
C ASN A 83 21.53 -6.51 -30.24
N ARG A 84 20.97 -5.28 -30.24
CA ARG A 84 19.75 -4.94 -30.97
C ARG A 84 19.70 -3.43 -31.33
N ALA A 85 19.42 -3.11 -32.61
CA ALA A 85 19.28 -1.76 -33.17
C ALA A 85 18.13 -0.98 -32.52
N LEU A 86 18.35 0.33 -32.26
CA LEU A 86 17.36 1.20 -31.63
C LEU A 86 17.49 2.65 -32.09
N LEU A 87 16.34 3.26 -32.45
CA LEU A 87 16.32 4.66 -32.83
C LEU A 87 15.81 5.54 -31.70
N VAL A 88 16.62 6.55 -31.29
CA VAL A 88 16.33 7.51 -30.21
C VAL A 88 16.40 8.95 -30.78
N ASN A 89 15.58 9.88 -30.26
CA ASN A 89 15.58 11.28 -30.66
C ASN A 89 16.01 12.15 -29.48
N VAL A 90 17.17 12.83 -29.61
CA VAL A 90 17.75 13.68 -28.57
C VAL A 90 17.83 15.15 -28.99
N LYS A 91 17.59 16.05 -28.04
CA LYS A 91 17.72 17.48 -28.20
C LYS A 91 18.34 18.07 -26.92
N PHE A 92 18.41 19.39 -26.81
CA PHE A 92 18.94 20.09 -25.66
C PHE A 92 17.80 21.02 -25.18
N GLU A 93 17.93 21.56 -23.95
CA GLU A 93 16.94 22.44 -23.30
C GLU A 93 16.57 23.71 -24.09
N GLY A 94 17.58 24.54 -24.38
CA GLY A 94 17.40 25.81 -25.06
C GLY A 94 17.50 25.77 -26.58
N SER A 95 16.77 24.81 -27.20
CA SER A 95 16.74 24.60 -28.65
C SER A 95 15.60 23.65 -29.04
N GLU A 96 14.87 24.01 -30.10
CA GLU A 96 13.79 23.21 -30.67
C GLU A 96 14.39 22.13 -31.59
N GLU A 97 15.65 22.32 -31.99
CA GLU A 97 16.40 21.43 -32.87
C GLU A 97 16.77 20.12 -32.17
N SER A 98 16.44 18.99 -32.82
CA SER A 98 16.76 17.64 -32.33
C SER A 98 17.66 16.87 -33.31
N PHE A 99 18.13 15.67 -32.92
CA PHE A 99 18.91 14.75 -33.74
C PHE A 99 18.39 13.35 -33.47
N THR A 100 18.37 12.47 -34.47
CA THR A 100 17.94 11.07 -34.30
C THR A 100 19.15 10.16 -34.48
N PHE A 101 19.50 9.43 -33.44
CA PHE A 101 20.66 8.53 -33.42
C PHE A 101 20.26 7.08 -33.41
N GLN A 102 21.04 6.27 -34.12
CA GLN A 102 20.90 4.84 -34.12
C GLN A 102 21.92 4.38 -33.08
N VAL A 103 21.40 3.84 -31.99
CA VAL A 103 22.18 3.34 -30.86
C VAL A 103 21.79 1.87 -30.68
N SER A 104 22.19 1.27 -29.57
CA SER A 104 21.88 -0.10 -29.22
C SER A 104 21.36 -0.12 -27.79
N THR A 105 20.48 -1.08 -27.50
CA THR A 105 19.88 -1.29 -26.17
C THR A 105 20.90 -1.60 -25.04
N LYS A 106 22.11 -2.13 -25.42
CA LYS A 106 23.21 -2.46 -24.51
C LYS A 106 24.10 -1.23 -24.19
N ASP A 107 23.81 -0.07 -24.82
CA ASP A 107 24.58 1.16 -24.58
C ASP A 107 24.06 1.90 -23.36
N MET A 108 24.97 2.38 -22.50
CA MET A 108 24.69 3.13 -21.29
C MET A 108 24.22 4.55 -21.68
N PRO A 109 23.33 5.23 -20.89
CA PRO A 109 22.97 6.62 -21.24
C PRO A 109 24.16 7.54 -21.55
N LEU A 110 25.31 7.39 -20.84
CA LEU A 110 26.54 8.19 -21.02
C LEU A 110 27.09 8.20 -22.47
N ALA A 111 27.04 7.04 -23.16
CA ALA A 111 27.49 6.89 -24.54
C ALA A 111 26.55 7.64 -25.48
N LEU A 112 25.25 7.69 -25.13
CA LEU A 112 24.23 8.40 -25.88
C LEU A 112 24.49 9.90 -25.73
N MET A 113 24.83 10.34 -24.50
CA MET A 113 25.14 11.74 -24.20
C MET A 113 26.32 12.22 -25.03
N ALA A 114 27.45 11.48 -24.98
CA ALA A 114 28.68 11.80 -25.73
C ALA A 114 28.45 11.85 -27.24
N CYS A 115 27.51 11.04 -27.72
CA CYS A 115 27.09 10.97 -29.11
C CYS A 115 26.18 12.18 -29.45
N ALA A 116 25.32 12.59 -28.50
CA ALA A 116 24.42 13.73 -28.67
C ALA A 116 25.17 15.05 -28.78
N LEU A 117 26.27 15.18 -28.02
CA LEU A 117 27.16 16.34 -28.01
C LEU A 117 28.01 16.40 -29.27
N ARG A 118 28.34 15.22 -29.85
CA ARG A 118 29.17 15.10 -31.06
C ARG A 118 28.43 15.74 -32.24
N LYS A 119 27.12 15.47 -32.36
CA LYS A 119 26.27 16.06 -33.39
C LYS A 119 26.13 17.56 -33.16
N LYS A 120 26.01 18.00 -31.88
CA LYS A 120 25.91 19.42 -31.50
C LYS A 120 27.22 20.17 -31.81
N ALA A 121 28.37 19.48 -31.71
CA ALA A 121 29.70 20.05 -31.95
C ALA A 121 29.89 20.43 -33.43
N THR A 122 29.32 19.64 -34.35
CA THR A 122 29.44 19.87 -35.79
C THR A 122 28.49 20.98 -36.24
N VAL A 123 27.18 20.85 -35.89
CA VAL A 123 26.09 21.79 -36.20
C VAL A 123 26.43 23.22 -35.73
N PHE A 124 26.99 23.37 -34.51
CA PHE A 124 27.36 24.66 -33.93
C PHE A 124 28.84 25.01 -34.13
N ARG A 125 29.58 24.16 -34.88
CA ARG A 125 30.99 24.29 -35.34
C ARG A 125 32.07 24.54 -34.25
N GLN A 126 31.71 24.70 -32.97
CA GLN A 126 32.68 24.96 -31.89
C GLN A 126 33.16 23.68 -31.19
N PRO A 127 34.46 23.56 -30.81
CA PRO A 127 34.91 22.34 -30.10
C PRO A 127 34.45 22.30 -28.64
N LEU A 128 33.20 21.85 -28.47
CA LEU A 128 32.39 21.76 -27.25
C LEU A 128 33.17 21.40 -25.96
N VAL A 129 33.21 22.40 -25.02
CA VAL A 129 33.84 22.37 -23.68
C VAL A 129 33.24 21.26 -22.81
N GLU A 130 31.94 20.97 -23.03
CA GLU A 130 31.16 19.97 -22.29
C GLU A 130 31.63 18.54 -22.50
N GLN A 131 31.62 17.77 -21.39
CA GLN A 131 31.93 16.34 -21.32
C GLN A 131 30.59 15.63 -21.03
N PRO A 132 30.33 14.39 -21.52
CA PRO A 132 29.01 13.76 -21.27
C PRO A 132 28.57 13.72 -19.81
N GLU A 133 29.53 13.43 -18.90
CA GLU A 133 29.43 13.38 -17.43
C GLU A 133 28.67 14.55 -16.82
N GLU A 134 28.85 15.76 -17.37
CA GLU A 134 28.23 17.04 -16.98
C GLU A 134 26.70 17.10 -17.13
N TYR A 135 26.09 16.15 -17.87
CA TYR A 135 24.65 16.12 -18.17
C TYR A 135 23.85 14.94 -17.60
N ALA A 136 22.51 15.01 -17.79
CA ALA A 136 21.50 14.00 -17.50
C ALA A 136 20.55 13.98 -18.69
N LEU A 137 19.88 12.85 -18.93
CA LEU A 137 18.93 12.75 -20.04
C LEU A 137 17.48 12.75 -19.58
N GLN A 138 16.75 13.88 -19.72
CA GLN A 138 15.32 13.96 -19.36
C GLN A 138 14.39 13.33 -20.40
N VAL A 139 13.40 12.52 -19.97
CA VAL A 139 12.37 11.95 -20.85
C VAL A 139 11.45 13.15 -21.21
N ASN A 140 11.16 13.35 -22.51
CA ASN A 140 10.39 14.52 -23.00
C ASN A 140 9.03 14.74 -22.32
N GLY A 141 8.93 15.91 -21.68
CA GLY A 141 7.73 16.37 -20.99
C GLY A 141 7.24 15.43 -19.89
N ARG A 142 8.20 14.90 -19.11
CA ARG A 142 7.97 13.98 -18.01
C ARG A 142 8.90 14.32 -16.88
N HIS A 143 8.50 14.00 -15.65
CA HIS A 143 9.43 14.13 -14.54
C HIS A 143 10.16 12.79 -14.38
N GLU A 144 10.84 12.36 -15.47
CA GLU A 144 11.62 11.13 -15.59
C GLU A 144 13.01 11.41 -16.21
N TYR A 145 14.04 10.71 -15.72
CA TYR A 145 15.40 10.87 -16.19
C TYR A 145 16.07 9.55 -16.34
N LEU A 146 17.04 9.52 -17.25
CA LEU A 146 17.87 8.35 -17.52
C LEU A 146 19.28 8.76 -17.20
N TYR A 147 19.87 8.11 -16.20
CA TYR A 147 21.25 8.34 -15.71
C TYR A 147 21.73 7.05 -15.01
N GLY A 148 22.95 7.04 -14.52
CA GLY A 148 23.51 5.84 -13.90
C GLY A 148 24.12 4.88 -14.91
N ASN A 149 24.87 3.88 -14.44
CA ASN A 149 25.52 2.92 -15.32
C ASN A 149 24.69 1.64 -15.52
N TYR A 150 23.56 1.81 -16.21
CA TYR A 150 22.61 0.77 -16.59
C TYR A 150 22.43 0.91 -18.10
N PRO A 151 22.33 -0.18 -18.89
CA PRO A 151 22.14 0.00 -20.34
C PRO A 151 20.73 0.49 -20.60
N LEU A 152 20.47 1.00 -21.83
CA LEU A 152 19.18 1.58 -22.21
C LEU A 152 17.97 0.67 -21.98
N CYS A 153 18.07 -0.64 -22.33
CA CYS A 153 16.94 -1.57 -22.19
C CYS A 153 16.46 -1.75 -20.75
N HIS A 154 17.37 -1.58 -19.76
CA HIS A 154 17.13 -1.69 -18.33
C HIS A 154 16.16 -0.63 -17.76
N PHE A 155 16.01 0.52 -18.46
CA PHE A 155 15.10 1.61 -18.09
C PHE A 155 13.70 1.30 -18.59
N GLN A 156 12.71 1.43 -17.68
CA GLN A 156 11.28 1.18 -17.93
C GLN A 156 10.70 1.88 -19.15
N TYR A 157 11.17 3.12 -19.41
CA TYR A 157 10.74 3.97 -20.52
C TYR A 157 11.22 3.42 -21.87
N ILE A 158 12.47 2.93 -21.95
CA ILE A 158 13.04 2.33 -23.16
C ILE A 158 12.44 0.93 -23.32
N CYS A 159 12.23 0.19 -22.21
CA CYS A 159 11.60 -1.13 -22.26
C CYS A 159 10.17 -1.04 -22.83
N SER A 160 9.41 -0.03 -22.39
CA SER A 160 8.04 0.24 -22.88
C SER A 160 8.07 0.67 -24.35
N CYS A 161 9.08 1.50 -24.71
CA CYS A 161 9.30 2.01 -26.06
C CYS A 161 9.58 0.86 -27.02
N LEU A 162 10.40 -0.13 -26.58
CA LEU A 162 10.80 -1.31 -27.35
C LEU A 162 9.66 -2.25 -27.69
N HIS A 163 8.60 -2.30 -26.85
CA HIS A 163 7.42 -3.14 -27.06
C HIS A 163 6.38 -2.49 -27.94
N SER A 164 6.24 -1.16 -27.86
CA SER A 164 5.24 -0.41 -28.64
C SER A 164 5.77 0.04 -30.02
N GLY A 165 7.03 -0.27 -30.31
CA GLY A 165 7.71 0.10 -31.55
C GLY A 165 8.18 1.54 -31.60
N LEU A 166 7.42 2.47 -30.94
CA LEU A 166 7.63 3.93 -30.82
C LEU A 166 9.07 4.32 -30.34
N THR A 167 9.56 5.49 -30.79
CA THR A 167 10.94 6.02 -30.60
C THR A 167 11.13 6.89 -29.33
N PRO A 168 12.13 6.56 -28.46
CA PRO A 168 12.39 7.39 -27.27
C PRO A 168 12.75 8.86 -27.57
N HIS A 169 12.11 9.80 -26.88
CA HIS A 169 12.39 11.22 -27.05
C HIS A 169 12.94 11.79 -25.74
N LEU A 170 14.26 12.10 -25.76
CA LEU A 170 15.06 12.57 -24.63
C LEU A 170 15.60 14.00 -24.85
N THR A 171 15.91 14.70 -23.75
CA THR A 171 16.45 16.06 -23.77
C THR A 171 17.75 16.01 -22.97
N MET A 172 18.74 16.81 -23.35
CA MET A 172 20.01 16.87 -22.63
C MET A 172 19.88 17.95 -21.59
N VAL A 173 20.03 17.58 -20.31
CA VAL A 173 19.92 18.56 -19.22
C VAL A 173 21.28 18.70 -18.55
N HIS A 174 21.83 19.93 -18.57
CA HIS A 174 23.12 20.27 -17.97
C HIS A 174 22.99 20.29 -16.44
N SER A 175 24.08 19.96 -15.73
CA SER A 175 24.17 19.94 -14.27
C SER A 175 23.68 21.24 -13.60
N SER A 176 24.06 22.39 -14.18
CA SER A 176 23.76 23.76 -13.72
C SER A 176 22.26 24.04 -13.69
N SER A 177 21.53 23.39 -14.61
CA SER A 177 20.09 23.51 -14.78
C SER A 177 19.36 22.73 -13.71
N ILE A 178 19.94 21.59 -13.32
CA ILE A 178 19.44 20.68 -12.29
C ILE A 178 19.67 21.32 -10.93
N LEU A 179 20.81 22.03 -10.78
CA LEU A 179 21.20 22.75 -9.56
C LEU A 179 20.29 23.93 -9.36
N ALA A 180 19.85 24.57 -10.48
CA ALA A 180 18.92 25.69 -10.51
C ALA A 180 17.55 25.22 -9.97
N MET A 181 17.17 23.97 -10.27
CA MET A 181 15.96 23.32 -9.75
C MET A 181 16.07 23.07 -8.24
N ARG A 182 17.24 22.57 -7.77
CA ARG A 182 17.49 22.32 -6.34
C ARG A 182 17.37 23.61 -5.57
N ASP A 183 17.97 24.69 -6.09
CA ASP A 183 17.98 26.02 -5.51
C ASP A 183 16.60 26.66 -5.39
N GLU A 184 15.76 26.55 -6.44
CA GLU A 184 14.42 27.14 -6.44
C GLU A 184 13.40 26.35 -5.61
N GLN A 185 13.73 25.09 -5.33
CA GLN A 185 12.86 24.20 -4.55
C GLN A 185 13.25 24.17 -3.08
N SER A 186 14.00 25.20 -2.64
CA SER A 186 14.47 25.41 -1.26
C SER A 186 13.31 25.73 -0.32
N ASN A 187 13.45 25.31 0.96
CA ASN A 187 12.46 25.54 2.02
C ASN A 187 12.56 27.00 2.51
N SER A 211 10.38 1.43 41.72
CA SER A 211 10.57 0.37 40.72
C SER A 211 9.32 -0.49 40.56
N LEU A 212 8.95 -0.74 39.29
CA LEU A 212 7.82 -1.57 38.85
C LEU A 212 7.90 -3.00 39.41
N TRP A 213 9.07 -3.66 39.26
CA TRP A 213 9.32 -5.04 39.69
C TRP A 213 9.31 -5.24 41.22
N SER A 214 9.04 -4.17 42.00
CA SER A 214 8.95 -4.22 43.47
C SER A 214 7.49 -4.06 43.94
N LEU A 215 6.55 -4.18 42.99
CA LEU A 215 5.10 -4.03 43.22
C LEU A 215 4.36 -5.32 42.80
N GLU A 216 4.29 -6.32 43.72
CA GLU A 216 3.69 -7.65 43.53
C GLU A 216 2.16 -7.77 43.71
N GLN A 217 1.47 -6.66 44.06
CA GLN A 217 0.02 -6.68 44.28
C GLN A 217 -0.75 -6.89 42.95
N PRO A 218 -1.97 -7.49 42.96
CA PRO A 218 -2.68 -7.69 41.69
C PRO A 218 -3.12 -6.37 41.05
N PHE A 219 -2.91 -6.21 39.71
CA PHE A 219 -3.32 -5.01 38.98
C PHE A 219 -4.84 -4.94 39.03
N SER A 220 -5.34 -3.83 39.52
CA SER A 220 -6.77 -3.59 39.65
C SER A 220 -7.07 -2.18 39.22
N ILE A 221 -8.36 -1.89 39.01
CA ILE A 221 -8.86 -0.60 38.58
C ILE A 221 -10.21 -0.37 39.25
N GLU A 222 -10.67 0.89 39.27
CA GLU A 222 -11.99 1.24 39.76
C GLU A 222 -12.81 1.64 38.51
N LEU A 223 -13.98 1.01 38.33
CA LEU A 223 -14.92 1.36 37.27
C LEU A 223 -15.89 2.31 37.96
N ILE A 224 -15.75 3.62 37.69
CA ILE A 224 -16.59 4.58 38.41
C ILE A 224 -17.99 4.62 37.81
N GLU A 225 -18.12 5.17 36.60
CA GLU A 225 -19.42 5.32 35.95
C GLU A 225 -19.34 5.38 34.44
N GLY A 226 -20.47 5.12 33.80
CA GLY A 226 -20.69 5.23 32.37
C GLY A 226 -21.52 6.46 32.09
N ARG A 227 -21.32 7.08 30.94
CA ARG A 227 -22.07 8.28 30.57
C ARG A 227 -22.61 8.19 29.14
N LYS A 228 -23.69 8.96 28.85
CA LYS A 228 -24.39 9.08 27.56
C LYS A 228 -24.69 7.73 26.84
N VAL A 229 -24.83 6.61 27.61
CA VAL A 229 -25.09 5.32 26.97
C VAL A 229 -26.58 5.20 26.58
N ASN A 230 -26.82 4.60 25.39
CA ASN A 230 -28.14 4.41 24.81
C ASN A 230 -28.36 2.92 24.46
N ALA A 231 -29.32 2.28 25.15
CA ALA A 231 -29.70 0.87 24.99
C ALA A 231 -31.12 0.63 25.50
N ASP A 232 -31.68 -0.57 25.23
CA ASP A 232 -33.02 -1.00 25.67
C ASP A 232 -33.12 -1.01 27.19
N GLU A 233 -34.16 -0.38 27.76
CA GLU A 233 -34.36 -0.34 29.23
C GLU A 233 -34.83 -1.70 29.77
N ARG A 234 -35.19 -2.63 28.86
CA ARG A 234 -35.61 -4.02 29.15
C ARG A 234 -34.37 -4.90 29.39
N MET A 235 -33.18 -4.27 29.38
CA MET A 235 -31.87 -4.92 29.50
C MET A 235 -31.01 -4.32 30.63
N LYS A 236 -29.86 -4.97 30.88
CA LYS A 236 -28.85 -4.57 31.88
C LYS A 236 -27.49 -4.35 31.22
N LEU A 237 -26.70 -3.37 31.70
CA LEU A 237 -25.37 -2.99 31.19
C LEU A 237 -24.25 -3.75 31.86
N VAL A 238 -23.41 -4.41 31.05
CA VAL A 238 -22.24 -5.16 31.53
C VAL A 238 -20.99 -4.47 31.00
N VAL A 239 -19.92 -4.44 31.80
CA VAL A 239 -18.64 -3.90 31.34
C VAL A 239 -17.60 -5.02 31.36
N GLN A 240 -17.15 -5.46 30.17
CA GLN A 240 -16.12 -6.52 30.04
C GLN A 240 -14.77 -5.85 29.83
N ALA A 241 -13.75 -6.28 30.61
CA ALA A 241 -12.39 -5.76 30.51
C ALA A 241 -11.38 -6.89 30.35
N GLY A 242 -10.41 -6.66 29.48
CA GLY A 242 -9.33 -7.56 29.19
C GLY A 242 -8.00 -6.82 29.12
N LEU A 243 -6.93 -7.50 29.57
CA LEU A 243 -5.56 -7.00 29.58
C LEU A 243 -4.82 -7.78 28.54
N PHE A 244 -4.40 -7.08 27.47
CA PHE A 244 -3.73 -7.66 26.31
C PHE A 244 -2.31 -7.15 26.04
N HIS A 245 -1.53 -8.01 25.36
CA HIS A 245 -0.20 -7.75 24.79
C HIS A 245 -0.37 -8.21 23.34
N GLY A 246 -0.83 -7.30 22.50
CA GLY A 246 -1.14 -7.59 21.12
C GLY A 246 -2.45 -8.34 21.03
N ASN A 247 -2.38 -9.53 20.41
CA ASN A 247 -3.53 -10.40 20.23
C ASN A 247 -3.70 -11.41 21.35
N GLU A 248 -2.72 -11.47 22.25
CA GLU A 248 -2.70 -12.39 23.36
C GLU A 248 -3.19 -11.75 24.64
N MET A 249 -3.87 -12.57 25.47
CA MET A 249 -4.36 -12.17 26.78
C MET A 249 -3.20 -12.27 27.76
N LEU A 250 -3.16 -11.38 28.75
CA LEU A 250 -2.14 -11.38 29.80
C LEU A 250 -2.64 -12.14 31.04
N CYS A 251 -3.96 -12.22 31.15
CA CYS A 251 -4.75 -12.88 32.19
C CYS A 251 -6.19 -13.02 31.67
N LYS A 252 -7.07 -13.67 32.44
CA LYS A 252 -8.47 -13.85 32.06
C LYS A 252 -9.27 -12.54 32.10
N THR A 253 -10.37 -12.48 31.36
CA THR A 253 -11.19 -11.28 31.29
C THR A 253 -12.09 -11.15 32.51
N VAL A 254 -12.29 -9.90 33.00
CA VAL A 254 -13.18 -9.64 34.14
C VAL A 254 -14.39 -8.80 33.71
N SER A 255 -15.57 -9.25 34.13
CA SER A 255 -16.84 -8.62 33.84
C SER A 255 -17.36 -7.88 35.08
N SER A 256 -17.97 -6.72 34.87
CA SER A 256 -18.53 -5.93 35.95
C SER A 256 -19.87 -6.53 36.39
N SER A 257 -20.47 -5.99 37.45
CA SER A 257 -21.77 -6.47 37.90
C SER A 257 -22.85 -5.87 36.98
N GLU A 258 -23.99 -6.58 36.87
CA GLU A 258 -25.11 -6.15 36.04
C GLU A 258 -25.79 -4.95 36.72
N VAL A 259 -25.92 -3.86 35.97
CA VAL A 259 -26.52 -2.59 36.37
C VAL A 259 -27.64 -2.29 35.38
N ASN A 260 -28.77 -1.72 35.87
CA ASN A 260 -29.93 -1.35 35.04
C ASN A 260 -29.55 -0.30 34.00
N VAL A 261 -30.06 -0.47 32.76
CA VAL A 261 -29.83 0.47 31.66
C VAL A 261 -30.32 1.87 32.04
N CYS A 262 -29.38 2.84 31.97
CA CYS A 262 -29.49 4.26 32.25
C CYS A 262 -28.50 4.98 31.34
N SER A 263 -28.67 6.31 31.13
CA SER A 263 -27.75 7.11 30.31
C SER A 263 -26.50 7.41 31.13
N GLU A 264 -26.63 7.44 32.49
CA GLU A 264 -25.53 7.67 33.42
C GLU A 264 -25.36 6.51 34.46
N PRO A 265 -24.98 5.26 34.01
CA PRO A 265 -24.83 4.15 34.97
C PRO A 265 -23.66 4.30 35.94
N VAL A 266 -23.86 3.93 37.22
CA VAL A 266 -22.85 4.04 38.29
C VAL A 266 -22.42 2.64 38.78
N TRP A 267 -21.09 2.40 38.84
CA TRP A 267 -20.54 1.15 39.30
C TRP A 267 -19.76 1.32 40.62
N LYS A 268 -18.77 2.27 40.66
CA LYS A 268 -17.87 2.55 41.80
C LYS A 268 -17.31 1.25 42.40
N GLN A 269 -16.86 0.33 41.52
CA GLN A 269 -16.42 -1.00 41.88
C GLN A 269 -15.00 -1.35 41.43
N ARG A 270 -14.34 -2.20 42.21
CA ARG A 270 -13.00 -2.67 41.96
C ARG A 270 -13.00 -3.91 41.09
N LEU A 271 -12.19 -3.86 40.02
CA LEU A 271 -12.04 -4.95 39.06
C LEU A 271 -10.63 -5.50 39.25
N GLU A 272 -10.51 -6.63 39.94
CA GLU A 272 -9.19 -7.22 40.15
C GLU A 272 -8.83 -8.19 39.01
N PHE A 273 -7.61 -8.05 38.46
CA PHE A 273 -7.06 -8.92 37.40
C PHE A 273 -6.12 -9.92 38.05
N ASP A 274 -5.95 -11.11 37.42
CA ASP A 274 -4.98 -12.06 37.96
C ASP A 274 -3.66 -11.93 37.21
N ILE A 275 -2.94 -10.87 37.58
CA ILE A 275 -1.61 -10.46 37.12
C ILE A 275 -1.08 -9.40 38.09
N SER A 276 0.19 -9.55 38.51
CA SER A 276 0.84 -8.62 39.42
C SER A 276 1.30 -7.39 38.64
N VAL A 277 1.28 -6.18 39.29
CA VAL A 277 1.70 -4.89 38.71
C VAL A 277 3.18 -4.95 38.20
N CYS A 278 3.97 -5.89 38.74
CA CYS A 278 5.36 -6.09 38.34
C CYS A 278 5.44 -6.82 36.99
N ASP A 279 4.48 -7.74 36.73
CA ASP A 279 4.41 -8.56 35.51
C ASP A 279 3.77 -7.89 34.30
N LEU A 280 3.27 -6.66 34.45
CA LEU A 280 2.64 -5.90 33.36
C LEU A 280 3.68 -5.52 32.30
N PRO A 281 3.59 -6.03 31.05
CA PRO A 281 4.59 -5.67 30.05
C PRO A 281 4.47 -4.19 29.63
N ARG A 282 5.52 -3.65 28.96
CA ARG A 282 5.51 -2.25 28.54
C ARG A 282 4.35 -1.94 27.59
N MET A 283 4.05 -2.88 26.67
CA MET A 283 3.02 -2.73 25.66
C MET A 283 1.67 -3.35 26.07
N ALA A 284 1.40 -3.36 27.39
CA ALA A 284 0.16 -3.85 27.99
C ALA A 284 -0.95 -2.83 27.72
N ARG A 285 -2.04 -3.28 27.13
CA ARG A 285 -3.17 -2.41 26.84
C ARG A 285 -4.45 -2.90 27.50
N LEU A 286 -5.12 -1.98 28.22
CA LEU A 286 -6.34 -2.26 28.96
C LEU A 286 -7.49 -1.98 28.04
N CYS A 287 -8.28 -3.04 27.78
CA CYS A 287 -9.40 -3.03 26.85
C CYS A 287 -10.73 -3.14 27.53
N PHE A 288 -11.71 -2.40 27.01
CA PHE A 288 -13.05 -2.35 27.56
C PHE A 288 -14.12 -2.52 26.50
N ALA A 289 -15.17 -3.27 26.84
CA ALA A 289 -16.35 -3.50 26.01
C ALA A 289 -17.60 -3.38 26.88
N LEU A 290 -18.32 -2.27 26.72
CA LEU A 290 -19.57 -2.02 27.42
C LEU A 290 -20.67 -2.57 26.49
N TYR A 291 -21.61 -3.34 27.06
CA TYR A 291 -22.70 -3.93 26.28
C TYR A 291 -23.99 -4.07 27.07
N ALA A 292 -25.02 -4.72 26.49
CA ALA A 292 -26.33 -4.92 27.10
C ALA A 292 -26.73 -6.39 27.07
N VAL A 293 -27.30 -6.87 28.19
CA VAL A 293 -27.70 -8.27 28.35
C VAL A 293 -29.13 -8.40 28.90
N VAL A 294 -29.75 -9.58 28.71
CA VAL A 294 -31.12 -9.85 29.19
C VAL A 294 -31.08 -10.22 30.68
N ASP A 311 -26.11 -11.39 23.78
CA ASP A 311 -25.05 -10.40 23.91
C ASP A 311 -25.26 -9.28 22.88
N CYS A 312 -25.55 -8.06 23.36
CA CYS A 312 -25.87 -6.88 22.57
C CYS A 312 -24.74 -5.79 22.58
N PRO A 313 -23.76 -5.85 21.64
CA PRO A 313 -22.65 -4.86 21.65
C PRO A 313 -23.04 -3.41 21.45
N ILE A 314 -22.54 -2.53 22.34
CA ILE A 314 -22.83 -1.09 22.31
C ILE A 314 -21.60 -0.29 21.91
N ALA A 315 -20.54 -0.36 22.73
CA ALA A 315 -19.31 0.40 22.54
C ALA A 315 -18.06 -0.33 23.08
N TRP A 316 -16.87 0.22 22.77
CA TRP A 316 -15.57 -0.31 23.20
C TRP A 316 -14.55 0.83 23.38
N ALA A 317 -13.47 0.61 24.17
CA ALA A 317 -12.41 1.59 24.38
C ALA A 317 -11.13 0.92 24.87
N ASN A 318 -9.95 1.36 24.40
CA ASN A 318 -8.66 0.82 24.86
C ASN A 318 -7.70 1.94 25.24
N LEU A 319 -6.79 1.63 26.20
CA LEU A 319 -5.76 2.55 26.69
C LEU A 319 -4.48 1.78 27.02
N MET A 320 -3.33 2.42 26.81
CA MET A 320 -2.01 1.86 27.13
C MET A 320 -1.80 2.08 28.64
N LEU A 321 -1.35 1.07 29.41
CA LEU A 321 -1.17 1.26 30.87
C LEU A 321 -0.02 2.20 31.22
N PHE A 322 1.00 2.24 30.35
CA PHE A 322 2.14 3.14 30.47
C PHE A 322 1.95 4.25 29.41
N ASP A 323 2.32 5.50 29.74
CA ASP A 323 2.22 6.64 28.83
C ASP A 323 3.38 6.63 27.83
N TYR A 324 3.48 7.66 26.97
CA TYR A 324 4.56 7.78 25.99
C TYR A 324 5.96 8.04 26.62
N LYS A 325 6.01 8.37 27.95
CA LYS A 325 7.26 8.59 28.70
C LYS A 325 7.57 7.43 29.68
N ASP A 326 7.09 6.20 29.37
CA ASP A 326 7.28 4.95 30.11
C ASP A 326 6.66 4.92 31.54
N GLN A 327 5.89 5.97 31.90
CA GLN A 327 5.28 6.07 33.23
C GLN A 327 3.98 5.29 33.29
N LEU A 328 3.80 4.50 34.36
CA LEU A 328 2.56 3.79 34.60
C LEU A 328 1.55 4.88 34.97
N LYS A 329 0.36 4.82 34.36
CA LYS A 329 -0.69 5.82 34.54
C LYS A 329 -1.42 5.71 35.88
N THR A 330 -1.81 6.86 36.44
CA THR A 330 -2.58 6.99 37.69
C THR A 330 -3.61 8.12 37.57
N GLY A 331 -4.67 8.03 38.36
CA GLY A 331 -5.73 9.03 38.40
C GLY A 331 -6.91 8.71 37.51
N GLU A 332 -7.94 9.57 37.61
CA GLU A 332 -9.20 9.46 36.86
C GLU A 332 -8.96 9.52 35.36
N ARG A 333 -9.68 8.68 34.61
CA ARG A 333 -9.55 8.61 33.16
C ARG A 333 -10.91 8.57 32.49
N CYS A 334 -11.13 9.49 31.53
CA CYS A 334 -12.40 9.51 30.82
C CYS A 334 -12.29 8.93 29.42
N LEU A 335 -12.70 7.66 29.27
CA LEU A 335 -12.62 6.95 28.01
C LEU A 335 -13.83 7.18 27.10
N TYR A 336 -13.64 8.05 26.08
CA TYR A 336 -14.65 8.34 25.08
C TYR A 336 -14.70 7.16 24.09
N MET A 337 -15.69 6.29 24.31
CA MET A 337 -15.95 5.01 23.64
C MET A 337 -16.36 5.11 22.19
N TRP A 338 -15.95 4.10 21.40
CA TRP A 338 -16.25 3.93 19.98
C TRP A 338 -17.38 2.91 19.86
N PRO A 339 -18.30 3.02 18.86
CA PRO A 339 -19.40 2.05 18.76
C PRO A 339 -19.04 0.68 18.22
N SER A 340 -19.67 -0.37 18.75
CA SER A 340 -19.43 -1.75 18.34
C SER A 340 -20.35 -2.22 17.21
N VAL A 341 -19.83 -3.18 16.39
CA VAL A 341 -20.43 -3.82 15.20
C VAL A 341 -20.98 -2.78 14.20
N LEU A 348 -16.71 -8.56 21.28
CA LEU A 348 -17.05 -7.36 22.07
C LEU A 348 -15.75 -6.58 22.37
N LEU A 349 -14.81 -7.26 23.04
CA LEU A 349 -13.48 -6.77 23.43
C LEU A 349 -12.62 -6.72 22.18
N ASN A 350 -11.98 -5.55 21.93
CA ASN A 350 -11.24 -5.28 20.69
C ASN A 350 -9.75 -4.87 20.88
N PRO A 351 -8.84 -5.83 21.20
CA PRO A 351 -7.41 -5.48 21.39
C PRO A 351 -6.78 -4.57 20.34
N ALA A 352 -6.98 -4.90 19.04
CA ALA A 352 -6.40 -4.22 17.88
C ALA A 352 -6.91 -2.78 17.64
N GLY A 353 -8.02 -2.41 18.27
CA GLY A 353 -8.59 -1.08 18.16
C GLY A 353 -7.67 -0.02 18.73
N THR A 354 -7.80 1.22 18.24
CA THR A 354 -6.99 2.38 18.65
C THR A 354 -7.03 2.65 20.18
N VAL A 355 -5.90 3.13 20.74
CA VAL A 355 -5.75 3.43 22.17
C VAL A 355 -6.03 4.90 22.51
N ARG A 356 -6.57 5.64 21.53
CA ARG A 356 -6.94 7.02 21.70
C ARG A 356 -8.46 7.07 21.72
N GLY A 357 -9.01 8.05 22.44
CA GLY A 357 -10.44 8.21 22.58
C GLY A 357 -11.14 8.75 21.36
N ASN A 358 -12.48 8.62 21.34
CA ASN A 358 -13.33 9.06 20.26
C ASN A 358 -13.38 10.60 20.26
N PRO A 359 -12.98 11.27 19.14
CA PRO A 359 -12.99 12.76 19.11
C PRO A 359 -14.33 13.43 19.39
N ASN A 360 -15.43 12.87 18.83
CA ASN A 360 -16.82 13.28 18.97
C ASN A 360 -17.31 13.01 20.42
N THR A 361 -16.78 13.80 21.36
CA THR A 361 -17.04 13.77 22.80
C THR A 361 -18.52 14.07 23.18
N GLU A 362 -19.28 14.78 22.32
CA GLU A 362 -20.68 15.13 22.53
C GLU A 362 -21.65 13.95 22.33
N SER A 363 -21.40 13.09 21.33
CA SER A 363 -22.26 11.94 21.03
C SER A 363 -21.77 10.63 21.66
N ALA A 364 -20.46 10.37 21.59
CA ALA A 364 -19.82 9.17 22.14
C ALA A 364 -20.07 8.96 23.65
N ALA A 365 -20.13 7.68 24.06
CA ALA A 365 -20.28 7.21 25.43
C ALA A 365 -18.94 7.42 26.15
N ALA A 366 -18.96 7.84 27.43
CA ALA A 366 -17.73 8.14 28.14
C ALA A 366 -17.56 7.44 29.49
N LEU A 367 -16.97 6.24 29.46
CA LEU A 367 -16.72 5.46 30.68
C LEU A 367 -15.56 6.04 31.51
N VAL A 368 -15.87 6.47 32.75
CA VAL A 368 -14.85 6.95 33.70
C VAL A 368 -14.32 5.74 34.49
N ILE A 369 -13.00 5.68 34.62
CA ILE A 369 -12.30 4.65 35.38
C ILE A 369 -11.31 5.35 36.31
N TYR A 370 -10.58 4.59 37.16
CA TYR A 370 -9.60 5.18 38.07
C TYR A 370 -8.40 4.25 38.26
N LEU A 371 -7.25 4.60 37.63
CA LEU A 371 -6.01 3.85 37.79
C LEU A 371 -5.46 4.13 39.22
N PRO A 372 -5.35 3.12 40.10
CA PRO A 372 -4.89 3.37 41.48
C PRO A 372 -3.39 3.62 41.63
N GLU A 373 -3.04 4.35 42.70
CA GLU A 373 -1.67 4.69 43.06
C GLU A 373 -1.01 3.47 43.70
N VAL A 374 -0.22 2.75 42.89
CA VAL A 374 0.48 1.52 43.27
C VAL A 374 1.69 1.82 44.17
N ALA A 375 2.15 3.09 44.20
CA ALA A 375 3.31 3.57 44.96
C ALA A 375 3.15 5.07 45.31
N PRO A 376 3.80 5.59 46.38
CA PRO A 376 3.65 7.02 46.70
C PRO A 376 4.26 7.99 45.68
N HIS A 377 5.28 7.54 44.90
CA HIS A 377 5.99 8.33 43.90
C HIS A 377 5.64 7.84 42.45
N PRO A 378 6.06 8.51 41.32
CA PRO A 378 5.75 7.96 39.99
C PRO A 378 6.50 6.65 39.74
N VAL A 379 5.96 5.79 38.85
CA VAL A 379 6.55 4.49 38.50
C VAL A 379 6.80 4.41 37.00
N TYR A 380 8.05 4.21 36.60
CA TYR A 380 8.41 4.09 35.19
C TYR A 380 8.77 2.64 34.87
N PHE A 381 8.63 2.23 33.59
CA PHE A 381 9.02 0.87 33.20
C PHE A 381 10.55 0.80 33.32
N PRO A 382 11.14 -0.29 33.89
CA PRO A 382 12.60 -0.33 34.00
C PRO A 382 13.33 -0.14 32.67
N ALA A 383 14.42 0.65 32.69
CA ALA A 383 15.26 0.97 31.54
C ALA A 383 15.95 -0.29 31.01
N LEU A 384 16.29 -0.27 29.69
CA LEU A 384 16.94 -1.35 28.94
C LEU A 384 18.19 -1.94 29.63
N GLU A 385 18.91 -1.14 30.46
CA GLU A 385 20.09 -1.57 31.23
C GLU A 385 19.68 -2.54 32.37
N LYS A 386 18.55 -2.25 33.06
CA LYS A 386 18.01 -3.11 34.11
C LYS A 386 17.43 -4.39 33.52
N ILE A 387 16.83 -4.31 32.31
CA ILE A 387 16.25 -5.46 31.58
C ILE A 387 17.39 -6.41 31.17
N LEU A 388 18.39 -5.90 30.42
CA LEU A 388 19.54 -6.68 29.97
C LEU A 388 20.34 -7.31 31.13
N GLU A 389 20.29 -6.71 32.34
CA GLU A 389 20.95 -7.25 33.54
C GLU A 389 20.18 -8.43 34.13
N LEU A 390 18.84 -8.32 34.28
CA LEU A 390 17.97 -9.39 34.79
C LEU A 390 17.92 -10.60 33.82
N GLY A 391 17.82 -10.31 32.51
CA GLY A 391 17.76 -11.30 31.42
C GLY A 391 19.07 -12.00 31.11
N ARG A 392 20.20 -11.39 31.51
CA ARG A 392 21.58 -11.88 31.34
C ARG A 392 21.78 -13.20 32.11
N HIS A 393 20.93 -13.46 33.11
CA HIS A 393 21.02 -14.64 33.95
C HIS A 393 20.10 -15.76 33.49
N GLY A 394 20.61 -16.98 33.54
CA GLY A 394 19.87 -18.17 33.15
C GLY A 394 20.71 -19.38 32.85
N GLU A 395 20.04 -20.44 32.36
CA GLU A 395 20.61 -21.74 31.97
C GLU A 395 20.48 -21.93 30.45
N ARG A 396 21.54 -22.47 29.82
CA ARG A 396 21.63 -22.72 28.38
C ARG A 396 20.92 -24.02 27.92
N GLY A 397 20.76 -24.17 26.61
CA GLY A 397 20.08 -25.29 25.97
C GLY A 397 20.90 -26.56 25.83
N ARG A 398 20.90 -27.39 26.89
CA ARG A 398 21.61 -28.66 26.94
C ARG A 398 20.59 -29.80 26.84
N ILE A 399 20.37 -30.30 25.61
CA ILE A 399 19.40 -31.36 25.31
C ILE A 399 19.98 -32.43 24.34
N THR A 400 19.32 -33.61 24.28
CA THR A 400 19.71 -34.74 23.43
C THR A 400 19.47 -34.50 21.95
N GLU A 401 20.08 -35.35 21.09
CA GLU A 401 19.96 -35.32 19.62
C GLU A 401 18.51 -35.56 19.18
N GLU A 402 17.76 -36.37 19.97
CA GLU A 402 16.35 -36.72 19.74
C GLU A 402 15.41 -35.51 19.91
N GLU A 403 15.67 -34.66 20.92
CA GLU A 403 14.89 -33.43 21.14
C GLU A 403 15.35 -32.31 20.21
N GLN A 404 16.61 -32.39 19.73
CA GLN A 404 17.23 -31.48 18.76
C GLN A 404 16.63 -31.77 17.36
N LEU A 405 16.34 -33.06 17.07
CA LEU A 405 15.73 -33.53 15.83
C LEU A 405 14.27 -33.11 15.77
N GLN A 406 13.60 -33.05 16.93
CA GLN A 406 12.20 -32.64 17.03
C GLN A 406 12.09 -31.12 16.95
N LEU A 407 13.08 -30.41 17.52
CA LEU A 407 13.18 -28.95 17.50
C LEU A 407 13.37 -28.46 16.05
N ARG A 408 14.25 -29.14 15.29
CA ARG A 408 14.53 -28.84 13.88
C ARG A 408 13.24 -29.03 13.06
N GLU A 409 12.47 -30.10 13.36
CA GLU A 409 11.20 -30.44 12.70
C GLU A 409 10.10 -29.39 12.90
N ILE A 410 10.01 -28.77 14.09
CA ILE A 410 8.98 -27.77 14.39
C ILE A 410 9.38 -26.34 14.00
N LEU A 411 10.70 -26.04 13.97
CA LEU A 411 11.16 -24.69 13.61
C LEU A 411 11.20 -24.46 12.10
N GLU A 412 11.35 -25.54 11.30
CA GLU A 412 11.38 -25.50 9.83
C GLU A 412 9.97 -25.54 9.23
N ARG A 413 9.03 -26.22 9.94
CA ARG A 413 7.61 -26.40 9.61
C ARG A 413 6.89 -25.07 9.34
N GLU A 418 1.54 -23.04 14.10
CA GLU A 418 0.77 -23.48 15.26
C GLU A 418 1.36 -24.77 15.84
N LEU A 419 1.64 -24.76 17.16
CA LEU A 419 2.21 -25.92 17.86
C LEU A 419 1.55 -26.17 19.22
N TYR A 420 1.70 -27.40 19.75
CA TYR A 420 1.14 -27.81 21.03
C TYR A 420 1.92 -27.18 22.19
N GLU A 421 1.32 -27.19 23.42
CA GLU A 421 1.89 -26.65 24.66
C GLU A 421 3.30 -27.18 24.93
N HIS A 422 3.50 -28.52 24.88
CA HIS A 422 4.79 -29.18 25.08
C HIS A 422 5.82 -28.77 24.00
N GLU A 423 5.34 -28.50 22.77
CA GLU A 423 6.18 -28.06 21.65
C GLU A 423 6.60 -26.59 21.85
N LYS A 424 5.78 -25.78 22.57
CA LYS A 424 6.09 -24.40 22.92
C LYS A 424 7.14 -24.40 24.06
N ASP A 425 7.04 -25.38 24.98
CA ASP A 425 7.95 -25.59 26.11
C ASP A 425 9.39 -25.92 25.64
N LEU A 426 9.53 -26.62 24.48
CA LEU A 426 10.86 -26.97 23.94
C LEU A 426 11.45 -25.79 23.15
N VAL A 427 10.60 -24.94 22.50
CA VAL A 427 11.10 -23.75 21.78
C VAL A 427 11.74 -22.82 22.82
N TRP A 428 11.01 -22.56 23.93
CA TRP A 428 11.43 -21.72 25.05
C TRP A 428 12.70 -22.21 25.79
N LYS A 429 12.78 -23.52 26.15
CA LYS A 429 13.95 -24.06 26.83
C LYS A 429 15.22 -23.95 25.95
N MET A 430 15.05 -24.22 24.64
CA MET A 430 16.12 -24.17 23.64
C MET A 430 16.18 -22.83 22.91
N ARG A 431 15.87 -21.71 23.60
CA ARG A 431 15.90 -20.35 23.03
C ARG A 431 17.30 -19.92 22.51
N HIS A 432 18.40 -20.35 23.19
CA HIS A 432 19.78 -20.05 22.78
C HIS A 432 20.17 -20.75 21.47
N GLU A 433 19.70 -21.99 21.28
CA GLU A 433 19.91 -22.77 20.06
C GLU A 433 19.11 -22.12 18.93
N VAL A 434 17.97 -21.47 19.27
CA VAL A 434 17.14 -20.74 18.31
C VAL A 434 17.91 -19.49 17.85
N GLN A 435 18.47 -18.69 18.77
CA GLN A 435 19.27 -17.49 18.49
C GLN A 435 20.49 -17.76 17.62
N GLU A 436 21.27 -18.81 17.97
CA GLU A 436 22.48 -19.21 17.25
C GLU A 436 22.25 -20.03 15.97
N HIS A 437 21.44 -21.10 16.03
CA HIS A 437 21.27 -22.02 14.91
C HIS A 437 19.98 -21.88 14.08
N PHE A 438 18.99 -21.07 14.52
CA PHE A 438 17.74 -20.84 13.76
C PHE A 438 17.32 -19.33 13.88
N PRO A 439 18.16 -18.32 13.51
CA PRO A 439 17.77 -16.91 13.79
C PRO A 439 16.48 -16.45 13.16
N GLU A 440 16.15 -17.02 11.99
CA GLU A 440 14.95 -16.69 11.22
C GLU A 440 13.67 -17.22 11.86
N ALA A 441 13.80 -17.96 12.99
CA ALA A 441 12.69 -18.53 13.75
C ALA A 441 12.27 -17.61 14.90
N LEU A 442 12.90 -16.42 15.03
CA LEU A 442 12.62 -15.38 16.03
C LEU A 442 11.12 -15.13 16.31
N ALA A 443 10.27 -15.04 15.27
CA ALA A 443 8.83 -14.76 15.51
C ALA A 443 8.13 -15.84 16.32
N ARG A 444 8.51 -17.12 16.11
CA ARG A 444 7.92 -18.27 16.78
C ARG A 444 8.38 -18.32 18.23
N LEU A 445 9.62 -17.84 18.49
CA LEU A 445 10.17 -17.77 19.84
C LEU A 445 9.44 -16.63 20.61
N LEU A 446 9.17 -15.52 19.92
CA LEU A 446 8.45 -14.39 20.51
C LEU A 446 7.01 -14.76 20.80
N LEU A 447 6.47 -15.73 20.07
CA LEU A 447 5.11 -16.23 20.25
C LEU A 447 4.96 -17.10 21.47
N VAL A 448 5.93 -18.02 21.70
CA VAL A 448 5.98 -18.94 22.84
C VAL A 448 6.32 -18.24 24.18
N THR A 449 6.97 -17.06 24.12
CA THR A 449 7.35 -16.26 25.30
C THR A 449 6.10 -15.83 26.07
N LYS A 450 6.18 -15.89 27.40
CA LYS A 450 5.11 -15.52 28.30
C LYS A 450 5.27 -14.03 28.61
N TRP A 451 4.51 -13.19 27.88
CA TRP A 451 4.59 -11.74 28.04
C TRP A 451 3.92 -11.24 29.36
N ASN A 452 3.46 -12.19 30.20
CA ASN A 452 2.84 -11.91 31.49
C ASN A 452 3.75 -12.33 32.66
N LYS A 453 5.06 -12.55 32.36
CA LYS A 453 6.11 -12.91 33.33
C LYS A 453 7.32 -12.01 33.04
N HIS A 454 7.58 -11.03 33.92
CA HIS A 454 8.67 -10.05 33.80
C HIS A 454 10.06 -10.70 33.55
N GLU A 455 10.39 -11.81 34.27
CA GLU A 455 11.64 -12.56 34.08
C GLU A 455 11.75 -13.10 32.64
N ASP A 456 10.66 -13.74 32.13
CA ASP A 456 10.57 -14.33 30.78
C ASP A 456 10.74 -13.33 29.66
N VAL A 457 10.17 -12.11 29.79
CA VAL A 457 10.28 -11.02 28.80
C VAL A 457 11.74 -10.52 28.75
N ALA A 458 12.37 -10.35 29.92
CA ALA A 458 13.75 -9.91 30.13
C ALA A 458 14.76 -10.87 29.49
N GLN A 459 14.53 -12.21 29.60
CA GLN A 459 15.41 -13.20 28.99
C GLN A 459 15.30 -13.08 27.48
N MET A 460 14.05 -13.04 26.97
CA MET A 460 13.70 -12.89 25.57
C MET A 460 14.26 -11.58 25.01
N LEU A 461 14.21 -10.48 25.78
CA LEU A 461 14.71 -9.21 25.29
C LEU A 461 16.25 -9.19 25.22
N TYR A 462 16.90 -9.87 26.18
CA TYR A 462 18.36 -10.00 26.25
C TYR A 462 18.92 -10.72 25.00
N LEU A 463 18.19 -11.75 24.54
CA LEU A 463 18.52 -12.54 23.35
C LEU A 463 18.33 -11.67 22.13
N LEU A 464 17.21 -10.89 22.11
CA LEU A 464 16.86 -10.01 21.01
C LEU A 464 17.93 -8.94 20.72
N CYS A 465 18.48 -8.28 21.76
CA CYS A 465 19.51 -7.25 21.59
C CYS A 465 20.81 -7.79 20.97
N SER A 466 21.08 -9.10 21.15
CA SER A 466 22.22 -9.78 20.57
C SER A 466 21.80 -10.60 19.32
N TRP A 467 20.49 -10.56 18.94
CA TRP A 467 19.94 -11.27 17.80
C TRP A 467 20.47 -10.67 16.48
N PRO A 468 20.96 -11.49 15.51
CA PRO A 468 21.40 -10.92 14.23
C PRO A 468 20.23 -10.35 13.40
N GLU A 469 20.55 -9.47 12.42
CA GLU A 469 19.56 -8.89 11.52
C GLU A 469 18.97 -9.98 10.62
N LEU A 470 17.70 -9.84 10.28
CA LEU A 470 16.97 -10.85 9.51
C LEU A 470 16.67 -10.35 8.13
N PRO A 471 16.30 -11.20 7.14
CA PRO A 471 15.91 -10.67 5.82
C PRO A 471 14.65 -9.83 5.94
N VAL A 472 14.41 -8.96 4.94
CA VAL A 472 13.25 -8.07 4.85
C VAL A 472 11.94 -8.88 5.04
N LEU A 473 11.91 -10.10 4.47
CA LEU A 473 10.79 -11.03 4.55
C LEU A 473 10.38 -11.29 6.01
N SER A 474 11.35 -11.68 6.85
CA SER A 474 11.19 -11.95 8.28
C SER A 474 10.76 -10.68 9.04
N ALA A 475 11.36 -9.49 8.69
CA ALA A 475 11.07 -8.18 9.25
C ALA A 475 9.63 -7.70 9.03
N LEU A 476 9.02 -8.06 7.89
CA LEU A 476 7.64 -7.67 7.55
C LEU A 476 6.63 -8.43 8.40
N GLU A 477 7.01 -9.67 8.82
CA GLU A 477 6.20 -10.54 9.69
C GLU A 477 6.20 -9.99 11.10
N LEU A 478 7.37 -9.52 11.54
CA LEU A 478 7.58 -8.91 12.86
C LEU A 478 6.80 -7.59 13.07
N LEU A 479 6.19 -7.02 12.00
CA LEU A 479 5.41 -5.78 12.07
C LEU A 479 3.94 -6.03 12.34
N ASP A 480 3.58 -7.33 12.46
CA ASP A 480 2.24 -7.79 12.76
C ASP A 480 1.87 -7.36 14.16
N PHE A 481 0.56 -7.17 14.42
CA PHE A 481 0.04 -6.78 15.73
C PHE A 481 0.40 -7.83 16.81
N SER A 482 0.77 -9.05 16.39
CA SER A 482 1.24 -10.17 17.20
C SER A 482 2.52 -9.84 17.99
N PHE A 483 3.33 -8.89 17.48
CA PHE A 483 4.60 -8.46 18.08
C PHE A 483 4.50 -6.99 18.48
N PRO A 484 3.76 -6.65 19.59
CA PRO A 484 3.61 -5.24 19.93
C PRO A 484 4.77 -4.61 20.68
N ASP A 485 5.78 -5.41 21.05
CA ASP A 485 6.94 -4.91 21.79
C ASP A 485 7.79 -3.93 20.98
N CYS A 486 8.00 -2.72 21.53
CA CYS A 486 8.78 -1.64 20.91
C CYS A 486 10.21 -2.06 20.61
N TYR A 487 10.87 -2.86 21.49
CA TYR A 487 12.23 -3.32 21.20
C TYR A 487 12.25 -4.35 20.05
N VAL A 488 11.16 -5.14 19.92
CA VAL A 488 10.93 -6.14 18.87
C VAL A 488 10.57 -5.42 17.56
N GLY A 489 9.90 -4.27 17.67
CA GLY A 489 9.46 -3.44 16.56
C GLY A 489 10.60 -2.58 16.01
N SER A 490 11.44 -2.08 16.92
CA SER A 490 12.65 -1.31 16.65
C SER A 490 13.59 -2.26 15.94
N PHE A 491 13.59 -3.54 16.36
CA PHE A 491 14.38 -4.61 15.76
C PHE A 491 13.93 -4.89 14.33
N ALA A 492 12.60 -4.93 14.10
CA ALA A 492 11.98 -5.15 12.79
C ALA A 492 12.36 -4.03 11.81
N ILE A 493 12.39 -2.76 12.32
CA ILE A 493 12.76 -1.57 11.54
C ILE A 493 14.27 -1.59 11.19
N LYS A 494 15.10 -2.09 12.08
CA LYS A 494 16.56 -2.21 11.88
C LYS A 494 16.85 -3.20 10.74
N SER A 495 16.07 -4.30 10.69
CA SER A 495 16.18 -5.32 9.63
C SER A 495 15.44 -4.87 8.34
N LEU A 496 14.69 -3.74 8.40
CA LEU A 496 13.96 -3.13 7.27
C LEU A 496 14.76 -2.02 6.61
N ARG A 497 15.64 -1.32 7.33
CA ARG A 497 16.47 -0.24 6.75
C ARG A 497 17.22 -0.61 5.45
N LYS A 498 17.52 -1.89 5.26
CA LYS A 498 18.21 -2.34 4.05
C LYS A 498 17.26 -2.36 2.82
N LEU A 499 15.93 -2.12 3.03
CA LEU A 499 14.95 -2.05 1.93
C LEU A 499 15.45 -0.97 0.96
N THR A 500 15.40 -1.24 -0.32
CA THR A 500 15.74 -0.25 -1.35
C THR A 500 14.47 0.59 -1.55
N ASP A 501 14.59 1.73 -2.24
CA ASP A 501 13.44 2.57 -2.50
C ASP A 501 12.34 1.87 -3.26
N ASP A 502 12.73 0.97 -4.20
CA ASP A 502 11.78 0.21 -5.01
C ASP A 502 11.04 -0.85 -4.19
N GLU A 503 11.74 -1.56 -3.26
CA GLU A 503 11.14 -2.54 -2.36
C GLU A 503 10.19 -1.84 -1.44
N LEU A 504 10.62 -0.68 -0.89
CA LEU A 504 9.83 0.14 0.03
C LEU A 504 8.58 0.67 -0.63
N PHE A 505 8.67 1.11 -1.89
CA PHE A 505 7.52 1.58 -2.66
C PHE A 505 6.48 0.44 -2.82
N GLN A 506 7.01 -0.77 -3.03
CA GLN A 506 6.23 -1.99 -3.20
C GLN A 506 5.35 -2.30 -1.98
N TYR A 507 5.87 -2.11 -0.74
CA TYR A 507 5.20 -2.45 0.53
C TYR A 507 4.65 -1.27 1.36
N LEU A 508 4.90 -0.01 0.90
CA LEU A 508 4.47 1.25 1.52
C LEU A 508 2.98 1.25 1.89
N LEU A 509 2.12 0.72 1.03
CA LEU A 509 0.69 0.63 1.33
C LEU A 509 0.45 -0.12 2.66
N GLN A 510 1.12 -1.28 2.87
CA GLN A 510 1.03 -2.10 4.09
C GLN A 510 1.69 -1.40 5.28
N LEU A 511 2.85 -0.74 5.07
CA LEU A 511 3.58 -0.04 6.13
C LEU A 511 2.81 1.14 6.71
N VAL A 512 2.05 1.84 5.87
CA VAL A 512 1.20 2.97 6.25
C VAL A 512 0.01 2.41 7.09
N GLN A 513 -0.43 1.15 6.85
CA GLN A 513 -1.51 0.51 7.61
C GLN A 513 -1.01 0.10 8.98
N VAL A 514 0.28 -0.36 9.09
CA VAL A 514 0.95 -0.73 10.34
C VAL A 514 0.89 0.46 11.33
N LEU A 515 0.90 1.71 10.81
CA LEU A 515 0.75 2.95 11.60
C LEU A 515 -0.54 2.95 12.46
N LYS A 516 -1.61 2.25 12.01
CA LYS A 516 -2.87 2.14 12.74
C LYS A 516 -2.85 1.16 13.94
N TYR A 517 -1.82 0.29 14.02
CA TYR A 517 -1.56 -0.70 15.07
C TYR A 517 -0.77 -0.07 16.22
N GLU A 518 0.10 0.92 15.88
CA GLU A 518 1.00 1.68 16.75
C GLU A 518 0.32 2.26 17.97
N SER A 519 0.94 2.03 19.13
CA SER A 519 0.44 2.43 20.44
C SER A 519 0.66 3.90 20.78
N TYR A 520 1.66 4.56 20.12
CA TYR A 520 2.04 5.97 20.32
C TYR A 520 2.29 6.76 19.02
N LEU A 521 2.36 8.10 19.13
CA LEU A 521 2.63 8.99 17.99
C LEU A 521 4.08 8.91 17.59
N ASP A 522 5.00 9.17 18.53
CA ASP A 522 6.43 9.09 18.26
C ASP A 522 6.85 7.62 18.33
N CYS A 523 6.92 6.98 17.16
CA CYS A 523 7.28 5.58 17.03
C CYS A 523 8.37 5.40 15.96
N GLU A 524 9.11 4.27 16.03
CA GLU A 524 10.20 4.01 15.07
C GLU A 524 9.75 3.99 13.62
N LEU A 525 8.59 3.36 13.34
CA LEU A 525 8.04 3.26 12.00
C LEU A 525 7.71 4.64 11.35
N THR A 526 7.27 5.64 12.15
CA THR A 526 6.95 6.98 11.65
C THR A 526 8.22 7.71 11.24
N LYS A 527 9.25 7.67 12.07
CA LYS A 527 10.52 8.32 11.77
C LYS A 527 11.15 7.70 10.52
N PHE A 528 11.11 6.33 10.39
CA PHE A 528 11.62 5.60 9.23
C PHE A 528 10.87 5.98 7.96
N LEU A 529 9.53 5.87 7.97
CA LEU A 529 8.73 6.29 6.83
C LEU A 529 8.99 7.77 6.47
N LEU A 530 9.06 8.67 7.46
CA LEU A 530 9.33 10.09 7.22
C LEU A 530 10.67 10.36 6.58
N GLY A 531 11.72 9.74 7.13
CA GLY A 531 13.09 9.88 6.66
C GLY A 531 13.32 9.41 5.25
N ARG A 532 12.67 8.30 4.86
CA ARG A 532 12.75 7.73 3.52
C ARG A 532 11.93 8.53 2.51
N ALA A 533 10.81 9.11 2.97
CA ALA A 533 9.94 9.96 2.15
C ALA A 533 10.61 11.31 1.86
N LEU A 534 11.45 11.81 2.77
CA LEU A 534 12.15 13.09 2.56
C LEU A 534 13.41 12.96 1.72
N ALA A 535 13.85 11.71 1.51
CA ALA A 535 15.02 11.36 0.70
C ALA A 535 14.59 10.80 -0.68
N ASN A 536 13.28 10.78 -0.93
CA ASN A 536 12.73 10.32 -2.20
C ASN A 536 11.35 10.96 -2.40
N ARG A 537 11.23 11.83 -3.42
CA ARG A 537 10.00 12.56 -3.75
C ARG A 537 8.83 11.65 -4.13
N LYS A 538 9.08 10.51 -4.82
CA LYS A 538 8.02 9.55 -5.17
C LYS A 538 7.48 8.89 -3.89
N ILE A 539 8.37 8.46 -2.95
CA ILE A 539 7.95 7.89 -1.67
C ILE A 539 7.10 8.94 -0.92
N GLY A 540 7.60 10.17 -0.89
CA GLY A 540 6.96 11.31 -0.25
C GLY A 540 5.55 11.56 -0.74
N HIS A 541 5.40 11.53 -2.02
CA HIS A 541 4.15 11.66 -2.78
C HIS A 541 3.11 10.59 -2.34
N PHE A 542 3.45 9.30 -2.46
CA PHE A 542 2.53 8.19 -2.13
C PHE A 542 2.25 8.07 -0.63
N LEU A 543 3.25 8.35 0.23
CA LEU A 543 3.02 8.40 1.66
C LEU A 543 1.96 9.48 1.94
N PHE A 544 2.12 10.68 1.32
CA PHE A 544 1.18 11.78 1.54
C PHE A 544 -0.24 11.38 1.20
N TRP A 545 -0.46 10.78 0.00
CA TRP A 545 -1.76 10.40 -0.54
C TRP A 545 -2.43 9.23 0.21
N HIS A 546 -1.62 8.30 0.73
CA HIS A 546 -2.12 7.20 1.56
C HIS A 546 -2.63 7.75 2.92
N LEU A 547 -1.94 8.77 3.47
CA LEU A 547 -2.35 9.43 4.71
C LEU A 547 -3.59 10.32 4.42
N ARG A 548 -3.45 11.31 3.50
CA ARG A 548 -4.51 12.23 3.08
C ARG A 548 -5.86 11.61 2.81
N SER A 549 -5.87 10.43 2.16
CA SER A 549 -7.07 9.71 1.76
C SER A 549 -7.89 9.19 2.94
N GLU A 550 -7.28 9.04 4.14
CA GLU A 550 -7.95 8.54 5.36
C GLU A 550 -8.25 9.62 6.40
N MET A 551 -8.20 10.91 6.03
CA MET A 551 -8.45 12.04 6.94
C MET A 551 -9.93 12.14 7.44
N HIS A 552 -10.87 11.48 6.75
CA HIS A 552 -12.30 11.45 7.10
C HIS A 552 -12.59 10.32 8.10
N VAL A 553 -11.59 9.49 8.42
CA VAL A 553 -11.67 8.39 9.38
C VAL A 553 -11.22 9.00 10.75
N PRO A 554 -12.17 9.20 11.70
CA PRO A 554 -11.81 9.85 12.97
C PRO A 554 -10.76 9.16 13.83
N SER A 555 -10.58 7.83 13.70
CA SER A 555 -9.59 7.04 14.46
C SER A 555 -8.14 7.28 14.02
N VAL A 556 -7.93 7.68 12.77
CA VAL A 556 -6.57 7.87 12.24
C VAL A 556 -6.20 9.33 11.95
N ALA A 557 -7.21 10.21 11.82
CA ALA A 557 -7.04 11.61 11.44
C ALA A 557 -6.02 12.36 12.25
N LEU A 558 -5.99 12.17 13.58
CA LEU A 558 -4.99 12.88 14.37
C LEU A 558 -3.61 12.35 14.02
N ARG A 559 -3.38 11.04 14.10
CA ARG A 559 -2.07 10.49 13.72
C ARG A 559 -1.61 10.90 12.31
N PHE A 560 -2.50 10.71 11.31
CA PHE A 560 -2.20 10.96 9.91
C PHE A 560 -2.00 12.44 9.59
N GLY A 561 -2.74 13.31 10.29
CA GLY A 561 -2.61 14.75 10.13
C GLY A 561 -1.25 15.24 10.61
N LEU A 562 -0.78 14.70 11.76
CA LEU A 562 0.52 15.00 12.38
C LEU A 562 1.71 14.58 11.52
N ILE A 563 1.64 13.38 10.91
CA ILE A 563 2.67 12.89 9.99
C ILE A 563 2.76 13.79 8.75
N MET A 564 1.60 14.14 8.15
CA MET A 564 1.61 15.02 6.98
C MET A 564 2.15 16.42 7.28
N GLU A 565 1.90 16.94 8.48
CA GLU A 565 2.39 18.27 8.88
C GLU A 565 3.92 18.22 8.95
N ALA A 566 4.47 17.13 9.54
CA ALA A 566 5.91 16.90 9.69
C ALA A 566 6.56 16.89 8.34
N TYR A 567 6.04 16.07 7.42
CA TYR A 567 6.56 15.96 6.06
C TYR A 567 6.67 17.34 5.40
N CYS A 568 5.55 18.13 5.44
CA CYS A 568 5.40 19.47 4.88
C CYS A 568 6.43 20.46 5.36
N ARG A 569 6.93 20.25 6.61
CA ARG A 569 7.95 21.07 7.23
C ARG A 569 9.30 20.80 6.57
N GLY A 570 9.44 19.58 6.05
CA GLY A 570 10.62 19.07 5.38
C GLY A 570 10.63 19.35 3.91
N SER A 571 9.45 19.61 3.28
CA SER A 571 9.33 19.93 1.85
C SER A 571 8.26 20.95 1.54
N THR A 572 8.60 22.21 1.73
CA THR A 572 7.75 23.37 1.45
C THR A 572 7.33 23.35 -0.01
N HIS A 573 8.31 23.13 -0.94
CA HIS A 573 8.08 23.09 -2.38
C HIS A 573 7.09 21.98 -2.77
N HIS A 574 7.25 20.77 -2.19
CA HIS A 574 6.36 19.64 -2.45
C HIS A 574 4.97 19.81 -1.82
N MET A 575 4.87 20.54 -0.72
CA MET A 575 3.63 20.95 -0.07
C MET A 575 2.82 21.77 -1.08
N LYS A 576 3.49 22.68 -1.82
CA LYS A 576 2.85 23.51 -2.85
C LYS A 576 2.42 22.71 -4.09
N VAL A 577 3.27 21.73 -4.51
CA VAL A 577 3.03 20.82 -5.61
C VAL A 577 1.80 20.01 -5.32
N LEU A 578 1.71 19.41 -4.10
CA LEU A 578 0.54 18.59 -3.70
C LEU A 578 -0.77 19.43 -3.53
N MET A 579 -0.68 20.77 -3.19
CA MET A 579 -1.84 21.66 -3.08
C MET A 579 -2.42 21.88 -4.48
N LYS A 580 -1.54 21.97 -5.50
CA LYS A 580 -1.96 22.08 -6.89
C LYS A 580 -2.77 20.80 -7.25
N GLN A 581 -2.34 19.61 -6.77
CA GLN A 581 -3.09 18.36 -6.97
C GLN A 581 -4.45 18.37 -6.23
N GLY A 582 -4.44 18.85 -4.98
CA GLY A 582 -5.62 18.95 -4.14
C GLY A 582 -6.67 19.90 -4.68
N GLU A 583 -6.24 21.01 -5.31
CA GLU A 583 -7.11 22.01 -5.93
C GLU A 583 -7.81 21.43 -7.18
N ALA A 584 -7.11 20.56 -7.93
CA ALA A 584 -7.58 19.88 -9.14
C ALA A 584 -8.68 18.85 -8.76
N LEU A 585 -8.45 18.10 -7.66
CA LEU A 585 -9.39 17.12 -7.13
C LEU A 585 -10.60 17.78 -6.50
N SER A 586 -10.45 19.07 -6.11
CA SER A 586 -11.51 19.85 -5.50
C SER A 586 -12.52 20.20 -6.56
N LYS A 587 -12.01 20.65 -7.74
CA LYS A 587 -12.80 21.02 -8.92
C LYS A 587 -13.43 19.80 -9.58
N LEU A 588 -12.74 18.65 -9.55
CA LEU A 588 -13.25 17.41 -10.14
C LEU A 588 -14.48 16.88 -9.38
N LYS A 589 -14.47 16.98 -8.03
CA LYS A 589 -15.59 16.61 -7.18
C LYS A 589 -16.84 17.49 -7.52
N ALA A 590 -16.67 18.82 -7.64
CA ALA A 590 -17.75 19.75 -7.96
C ALA A 590 -18.30 19.51 -9.38
N LEU A 591 -17.40 19.19 -10.32
CA LEU A 591 -17.74 18.84 -11.71
C LEU A 591 -18.48 17.49 -11.77
N ASN A 592 -18.02 16.49 -11.00
CA ASN A 592 -18.66 15.15 -10.96
C ASN A 592 -20.06 15.26 -10.36
N ASP A 593 -20.20 16.07 -9.27
CA ASP A 593 -21.47 16.44 -8.61
C ASP A 593 -22.43 17.09 -9.58
N PHE A 594 -21.92 17.95 -10.47
CA PHE A 594 -22.71 18.61 -11.49
C PHE A 594 -23.34 17.56 -12.40
N VAL A 595 -22.49 16.70 -12.94
CA VAL A 595 -22.75 15.66 -13.91
C VAL A 595 -23.77 14.67 -13.36
N LYS A 596 -23.65 14.29 -12.08
CA LYS A 596 -24.54 13.37 -11.38
C LYS A 596 -25.96 13.92 -11.37
N VAL A 597 -26.11 15.21 -11.07
CA VAL A 597 -27.36 15.95 -10.99
C VAL A 597 -27.94 16.12 -12.41
N SER A 598 -27.11 16.60 -13.35
CA SER A 598 -27.46 16.84 -14.74
C SER A 598 -27.86 15.56 -15.52
N SER A 599 -27.26 14.40 -15.18
CA SER A 599 -27.57 13.14 -15.87
C SER A 599 -28.93 12.55 -15.48
N GLN A 600 -29.52 13.05 -14.38
CA GLN A 600 -30.83 12.61 -13.90
C GLN A 600 -31.90 13.59 -14.36
N LYS A 601 -31.54 14.52 -15.27
CA LYS A 601 -32.42 15.58 -15.76
C LYS A 601 -32.38 15.78 -17.28
N THR A 602 -31.29 15.38 -17.93
CA THR A 602 -31.17 15.59 -19.38
C THR A 602 -30.42 14.44 -20.07
N THR A 603 -30.27 14.55 -21.41
CA THR A 603 -29.56 13.55 -22.21
C THR A 603 -28.03 13.65 -22.06
N LYS A 604 -27.29 12.51 -22.24
CA LYS A 604 -25.82 12.44 -22.18
C LYS A 604 -25.13 13.47 -23.09
N PRO A 605 -25.59 13.73 -24.36
CA PRO A 605 -24.93 14.77 -25.19
C PRO A 605 -25.00 16.15 -24.54
N GLN A 606 -26.16 16.48 -23.95
CA GLN A 606 -26.44 17.74 -23.27
C GLN A 606 -25.56 17.92 -22.00
N THR A 607 -25.47 16.86 -21.14
CA THR A 607 -24.68 16.85 -19.90
C THR A 607 -23.17 16.99 -20.23
N LYS A 608 -22.69 16.28 -21.26
CA LYS A 608 -21.31 16.33 -21.72
C LYS A 608 -20.95 17.76 -22.13
N GLU A 609 -21.83 18.40 -22.91
CA GLU A 609 -21.64 19.78 -23.37
C GLU A 609 -21.61 20.79 -22.23
N MET A 610 -22.49 20.61 -21.25
CA MET A 610 -22.52 21.48 -20.08
C MET A 610 -21.29 21.25 -19.18
N MET A 611 -20.82 19.97 -19.05
CA MET A 611 -19.60 19.60 -18.30
C MET A 611 -18.42 20.37 -18.95
N HIS A 612 -18.38 20.36 -20.28
CA HIS A 612 -17.43 21.04 -21.13
C HIS A 612 -17.42 22.54 -20.96
N MET A 613 -18.61 23.17 -20.87
CA MET A 613 -18.78 24.61 -20.64
C MET A 613 -18.26 24.99 -19.26
N CYS A 614 -18.63 24.20 -18.23
CA CYS A 614 -18.15 24.35 -16.86
C CYS A 614 -16.59 24.29 -16.84
N MET A 615 -16.00 23.28 -17.52
CA MET A 615 -14.54 23.06 -17.59
C MET A 615 -13.80 24.21 -18.25
N ARG A 616 -14.45 24.93 -19.22
CA ARG A 616 -13.90 26.06 -19.97
C ARG A 616 -13.80 27.36 -19.17
N GLN A 617 -14.37 27.38 -17.95
CA GLN A 617 -14.28 28.54 -17.06
C GLN A 617 -12.84 28.71 -16.57
N GLU A 618 -12.42 30.01 -16.40
CA GLU A 618 -11.12 30.46 -15.92
C GLU A 618 -10.60 29.62 -14.78
N THR A 619 -11.40 29.53 -13.69
CA THR A 619 -11.11 28.80 -12.44
C THR A 619 -10.87 27.31 -12.68
N TYR A 620 -11.70 26.66 -13.54
CA TYR A 620 -11.59 25.27 -13.91
C TYR A 620 -10.34 24.99 -14.75
N MET A 621 -10.21 25.71 -15.88
CA MET A 621 -9.08 25.65 -16.80
C MET A 621 -7.74 25.76 -16.10
N GLU A 622 -7.62 26.70 -15.14
CA GLU A 622 -6.42 26.91 -14.36
C GLU A 622 -6.14 25.81 -13.32
N ALA A 623 -7.16 25.38 -12.53
CA ALA A 623 -7.01 24.32 -11.50
C ALA A 623 -6.78 22.92 -12.08
N LEU A 624 -7.52 22.57 -13.12
CA LEU A 624 -7.42 21.28 -13.78
C LEU A 624 -6.14 21.07 -14.64
N SER A 625 -5.34 22.13 -14.89
CA SER A 625 -4.17 22.12 -15.76
C SER A 625 -2.83 22.30 -15.05
N HIS A 626 -1.76 21.87 -15.72
CA HIS A 626 -0.36 21.95 -15.34
C HIS A 626 -0.14 21.47 -13.95
N LEU A 627 -0.20 20.16 -13.80
CA LEU A 627 0.03 19.51 -12.51
C LEU A 627 0.69 18.16 -12.68
N GLN A 628 1.25 17.65 -11.59
CA GLN A 628 1.80 16.32 -11.54
C GLN A 628 0.61 15.40 -11.31
N SER A 629 0.71 14.16 -11.76
CA SER A 629 -0.43 13.30 -11.61
C SER A 629 -0.43 12.66 -10.24
N PRO A 630 -1.53 12.68 -9.44
CA PRO A 630 -1.51 11.93 -8.16
C PRO A 630 -1.22 10.40 -8.36
N LEU A 631 -1.53 9.88 -9.54
CA LEU A 631 -1.31 8.48 -9.89
C LEU A 631 0.15 8.12 -10.14
N ASP A 632 0.96 9.15 -10.50
CA ASP A 632 2.35 9.02 -10.87
C ASP A 632 2.97 10.41 -10.95
N PRO A 633 3.85 10.80 -10.01
CA PRO A 633 4.44 12.15 -10.08
C PRO A 633 5.37 12.39 -11.29
N SER A 634 5.74 11.33 -12.04
CA SER A 634 6.54 11.39 -13.28
C SER A 634 5.68 11.94 -14.41
N THR A 635 4.37 11.63 -14.34
CA THR A 635 3.39 12.04 -15.33
C THR A 635 2.95 13.45 -15.02
N LEU A 636 3.10 14.29 -16.02
CA LEU A 636 2.69 15.69 -16.00
C LEU A 636 1.35 15.83 -16.79
N LEU A 637 0.32 16.40 -16.15
CA LEU A 637 -0.99 16.65 -16.75
C LEU A 637 -0.94 18.09 -17.10
N GLU A 638 -0.62 18.37 -18.38
CA GLU A 638 -0.42 19.73 -18.87
C GLU A 638 -1.70 20.44 -19.28
N GLU A 639 -2.08 20.40 -20.60
CA GLU A 639 -3.29 21.04 -21.12
C GLU A 639 -4.41 20.06 -21.12
N VAL A 640 -5.54 20.45 -20.56
CA VAL A 640 -6.72 19.60 -20.48
C VAL A 640 -7.52 19.71 -21.78
N CYS A 641 -7.66 18.58 -22.54
CA CYS A 641 -8.44 18.55 -23.78
C CYS A 641 -9.88 18.43 -23.36
N VAL A 642 -10.58 19.56 -23.26
CA VAL A 642 -11.98 19.61 -22.80
C VAL A 642 -12.87 18.75 -23.73
N GLU A 643 -12.69 18.88 -25.05
CA GLU A 643 -13.49 18.15 -26.03
C GLU A 643 -13.37 16.63 -25.92
N GLN A 644 -12.25 16.13 -25.41
CA GLN A 644 -12.04 14.71 -25.26
C GLN A 644 -12.57 14.18 -23.92
N CYS A 645 -12.92 15.09 -22.97
CA CYS A 645 -13.43 14.71 -21.65
C CYS A 645 -14.88 14.29 -21.73
N THR A 646 -15.30 13.36 -20.85
CA THR A 646 -16.68 12.83 -20.77
C THR A 646 -16.89 12.21 -19.38
N PHE A 647 -17.86 11.30 -19.24
CA PHE A 647 -18.17 10.58 -18.03
C PHE A 647 -18.68 9.19 -18.38
N MET A 648 -18.56 8.22 -17.45
CA MET A 648 -19.07 6.85 -17.68
C MET A 648 -20.52 6.78 -17.21
N ASP A 649 -21.30 5.86 -17.78
CA ASP A 649 -22.73 5.71 -17.51
C ASP A 649 -23.09 4.89 -16.24
N SER A 650 -22.11 4.40 -15.47
CA SER A 650 -22.34 3.69 -14.21
C SER A 650 -22.89 4.64 -13.14
N LYS A 651 -23.58 4.08 -12.11
CA LYS A 651 -24.25 4.76 -10.98
C LYS A 651 -23.58 6.04 -10.49
N MET A 652 -22.26 5.98 -10.28
CA MET A 652 -21.45 7.08 -9.73
C MET A 652 -21.00 8.11 -10.75
N LYS A 653 -21.29 7.88 -12.05
CA LYS A 653 -20.91 8.72 -13.20
C LYS A 653 -19.40 9.12 -13.17
N PRO A 654 -18.44 8.17 -13.29
CA PRO A 654 -17.01 8.53 -13.25
C PRO A 654 -16.60 9.43 -14.38
N LEU A 655 -15.73 10.42 -14.13
CA LEU A 655 -15.28 11.33 -15.18
C LEU A 655 -14.04 10.80 -15.86
N TRP A 656 -14.01 10.93 -17.18
CA TRP A 656 -12.91 10.57 -18.04
C TRP A 656 -12.27 11.92 -18.47
N ILE A 657 -11.06 12.21 -17.99
CA ILE A 657 -10.35 13.48 -18.21
C ILE A 657 -9.09 13.24 -19.00
N MET A 658 -8.99 13.92 -20.13
CA MET A 658 -7.85 13.80 -21.03
C MET A 658 -6.96 15.04 -20.95
N TYR A 659 -5.66 14.80 -21.18
CA TYR A 659 -4.63 15.83 -21.19
C TYR A 659 -3.74 15.61 -22.37
N SER A 660 -3.11 16.70 -22.86
CA SER A 660 -2.12 16.75 -23.92
C SER A 660 -1.00 17.68 -23.50
N SER A 661 0.17 17.45 -24.11
CA SER A 661 1.43 18.15 -23.89
C SER A 661 2.22 18.09 -25.20
N GLU A 662 2.58 19.27 -25.76
CA GLU A 662 3.41 19.38 -26.97
C GLU A 662 4.85 18.99 -26.63
N GLU A 663 5.36 19.44 -25.45
CA GLU A 663 6.72 19.13 -24.98
C GLU A 663 6.99 17.62 -24.84
N ALA A 664 5.92 16.82 -24.60
CA ALA A 664 5.95 15.36 -24.44
C ALA A 664 5.46 14.55 -25.68
N GLY A 665 4.82 15.23 -26.64
CA GLY A 665 4.29 14.61 -27.86
C GLY A 665 3.18 13.60 -27.60
N SER A 666 3.39 12.33 -28.01
CA SER A 666 2.45 11.21 -27.82
C SER A 666 2.39 10.75 -26.37
N ALA A 667 3.53 10.85 -25.65
CA ALA A 667 3.66 10.47 -24.23
C ALA A 667 2.89 11.40 -23.27
N GLY A 668 2.60 12.61 -23.72
CA GLY A 668 1.83 13.61 -22.98
C GLY A 668 0.34 13.47 -23.18
N ASN A 669 -0.06 12.55 -24.08
CA ASN A 669 -1.46 12.23 -24.35
C ASN A 669 -1.83 11.19 -23.32
N VAL A 670 -2.30 11.68 -22.18
CA VAL A 670 -2.68 10.87 -21.01
C VAL A 670 -4.06 11.23 -20.54
N GLY A 671 -4.64 10.35 -19.74
CA GLY A 671 -5.94 10.53 -19.13
C GLY A 671 -6.06 9.99 -17.72
N ILE A 672 -6.98 10.54 -16.96
CA ILE A 672 -7.29 10.10 -15.59
C ILE A 672 -8.78 9.88 -15.47
N ILE A 673 -9.19 8.93 -14.65
CA ILE A 673 -10.63 8.70 -14.37
C ILE A 673 -10.86 9.15 -12.94
N PHE A 674 -11.83 10.04 -12.75
CA PHE A 674 -12.16 10.53 -11.42
C PHE A 674 -13.44 9.84 -10.98
N LYS A 675 -13.39 9.18 -9.82
CA LYS A 675 -14.56 8.45 -9.32
C LYS A 675 -14.80 8.82 -7.86
N ASN A 676 -16.01 9.25 -7.58
CA ASN A 676 -16.47 9.67 -6.28
C ASN A 676 -17.81 8.99 -5.99
N GLY A 677 -17.92 8.41 -4.79
CA GLY A 677 -19.12 7.70 -4.34
C GLY A 677 -18.93 6.23 -4.00
N ASP A 678 -17.86 5.63 -4.55
CA ASP A 678 -17.47 4.23 -4.39
C ASP A 678 -16.13 4.14 -3.70
N ASP A 679 -15.90 3.05 -2.95
CA ASP A 679 -14.61 2.83 -2.27
C ASP A 679 -13.66 2.26 -3.30
N LEU A 680 -12.43 2.83 -3.38
CA LEU A 680 -11.40 2.39 -4.32
C LEU A 680 -10.16 1.70 -3.67
N ARG A 681 -10.17 1.49 -2.33
CA ARG A 681 -9.08 0.84 -1.55
C ARG A 681 -8.84 -0.61 -1.91
N GLN A 682 -9.89 -1.38 -2.22
CA GLN A 682 -9.77 -2.77 -2.63
C GLN A 682 -9.25 -2.92 -4.06
N ASP A 683 -9.65 -2.00 -4.96
CA ASP A 683 -9.16 -1.96 -6.35
C ASP A 683 -7.64 -1.72 -6.36
N MET A 684 -7.15 -0.81 -5.50
CA MET A 684 -5.75 -0.46 -5.37
C MET A 684 -4.97 -1.63 -4.82
N LEU A 685 -5.47 -2.29 -3.76
CA LEU A 685 -4.83 -3.43 -3.17
C LEU A 685 -4.75 -4.62 -4.18
N THR A 686 -5.86 -4.87 -4.90
CA THR A 686 -5.90 -5.92 -5.95
C THR A 686 -4.81 -5.63 -7.00
N LEU A 687 -4.83 -4.40 -7.52
CA LEU A 687 -3.86 -3.96 -8.52
C LEU A 687 -2.42 -3.98 -8.03
N GLN A 688 -2.18 -3.67 -6.72
CA GLN A 688 -0.81 -3.69 -6.20
C GLN A 688 -0.30 -5.10 -6.07
N MET A 689 -1.20 -6.04 -5.72
CA MET A 689 -0.93 -7.47 -5.58
C MET A 689 -0.52 -8.11 -6.95
N ILE A 690 -1.24 -7.73 -8.03
CA ILE A 690 -1.04 -8.19 -9.41
C ILE A 690 0.30 -7.66 -9.90
N GLN A 691 0.60 -6.39 -9.55
CA GLN A 691 1.82 -5.67 -9.95
C GLN A 691 3.02 -6.36 -9.37
N LEU A 692 2.90 -6.81 -8.09
CA LEU A 692 3.90 -7.54 -7.35
C LEU A 692 4.18 -8.88 -8.04
N MET A 693 3.10 -9.60 -8.45
CA MET A 693 3.14 -10.89 -9.20
C MET A 693 3.99 -10.72 -10.48
N ASP A 694 3.69 -9.65 -11.24
CA ASP A 694 4.39 -9.26 -12.45
C ASP A 694 5.89 -9.04 -12.15
N VAL A 695 6.21 -8.36 -11.03
CA VAL A 695 7.58 -8.11 -10.56
C VAL A 695 8.27 -9.46 -10.23
N LEU A 696 7.57 -10.36 -9.47
CA LEU A 696 8.05 -11.68 -9.07
C LEU A 696 8.28 -12.62 -10.24
N TRP A 697 7.45 -12.50 -11.28
CA TRP A 697 7.54 -13.28 -12.50
C TRP A 697 8.74 -12.82 -13.32
N LYS A 698 8.85 -11.49 -13.58
CA LYS A 698 9.93 -10.85 -14.36
C LYS A 698 11.33 -11.13 -13.78
N GLN A 699 11.43 -11.23 -12.45
CA GLN A 699 12.66 -11.56 -11.74
C GLN A 699 13.12 -12.97 -12.05
N GLU A 700 12.19 -13.86 -12.48
CA GLU A 700 12.45 -15.25 -12.90
C GLU A 700 12.39 -15.36 -14.42
N GLY A 701 12.53 -14.25 -15.11
CA GLY A 701 12.51 -14.15 -16.58
C GLY A 701 11.19 -14.43 -17.27
N LEU A 702 10.06 -14.33 -16.57
CA LEU A 702 8.72 -14.55 -17.13
C LEU A 702 8.02 -13.21 -17.27
N ASP A 703 7.79 -12.75 -18.52
CA ASP A 703 7.08 -11.51 -18.82
C ASP A 703 5.74 -11.89 -19.42
N LEU A 704 4.68 -11.75 -18.60
CA LEU A 704 3.33 -12.13 -18.99
C LEU A 704 2.52 -10.97 -19.58
N ARG A 705 3.21 -9.89 -19.94
CA ARG A 705 2.64 -8.74 -20.65
C ARG A 705 1.46 -8.10 -19.92
N MET A 706 1.67 -7.83 -18.62
CA MET A 706 0.67 -7.23 -17.74
C MET A 706 0.49 -5.75 -18.00
N THR A 707 -0.62 -5.16 -17.54
CA THR A 707 -0.91 -3.74 -17.66
C THR A 707 -1.01 -3.23 -16.23
N PRO A 708 0.10 -2.86 -15.58
CA PRO A 708 0.02 -2.37 -14.20
C PRO A 708 -0.39 -0.89 -14.16
N TYR A 709 -1.67 -0.60 -14.28
CA TYR A 709 -2.13 0.80 -14.33
C TYR A 709 -2.42 1.39 -12.93
N GLY A 710 -2.26 2.69 -12.81
CA GLY A 710 -2.49 3.44 -11.57
C GLY A 710 -3.91 3.48 -11.05
N CYS A 711 -4.05 3.30 -9.73
CA CYS A 711 -5.27 3.40 -8.96
C CYS A 711 -4.91 3.99 -7.63
N LEU A 712 -5.48 5.15 -7.29
CA LEU A 712 -5.16 5.82 -6.06
C LEU A 712 -6.34 6.51 -5.37
N PRO A 713 -6.81 5.93 -4.23
CA PRO A 713 -7.81 6.64 -3.40
C PRO A 713 -7.17 7.95 -2.88
N THR A 714 -7.93 9.06 -2.89
CA THR A 714 -7.49 10.40 -2.48
C THR A 714 -8.29 11.04 -1.33
N GLY A 715 -9.46 10.51 -1.03
CA GLY A 715 -10.34 11.07 -0.03
C GLY A 715 -11.51 10.14 0.27
N ASP A 716 -12.55 10.66 0.89
CA ASP A 716 -13.73 9.88 1.28
C ASP A 716 -14.49 9.36 0.05
N ARG A 717 -14.37 8.04 -0.21
CA ARG A 717 -14.99 7.35 -1.37
C ARG A 717 -14.58 8.11 -2.66
N THR A 718 -13.35 8.59 -2.71
CA THR A 718 -12.82 9.36 -3.84
C THR A 718 -11.45 8.85 -4.30
N GLY A 719 -11.22 8.92 -5.60
CA GLY A 719 -9.96 8.52 -6.17
C GLY A 719 -9.82 8.64 -7.67
N LEU A 720 -8.60 8.30 -8.12
CA LEU A 720 -8.18 8.34 -9.49
C LEU A 720 -7.77 6.98 -9.99
N ILE A 721 -8.16 6.71 -11.26
CA ILE A 721 -7.79 5.49 -12.00
C ILE A 721 -7.03 5.95 -13.25
N GLU A 722 -5.99 5.21 -13.65
CA GLU A 722 -5.24 5.57 -14.84
C GLU A 722 -5.97 5.12 -16.06
N VAL A 723 -6.06 6.02 -17.06
CA VAL A 723 -6.65 5.70 -18.37
C VAL A 723 -5.61 4.93 -19.18
N VAL A 724 -6.02 3.76 -19.66
CA VAL A 724 -5.23 2.95 -20.58
C VAL A 724 -5.89 3.19 -21.96
N LEU A 725 -5.18 3.89 -22.83
CA LEU A 725 -5.73 4.22 -24.14
C LEU A 725 -5.49 3.06 -25.07
N HIS A 726 -6.25 3.02 -26.18
CA HIS A 726 -6.13 2.00 -27.22
C HIS A 726 -6.60 0.64 -26.68
N SER A 727 -7.54 0.70 -25.77
CA SER A 727 -8.12 -0.44 -25.10
C SER A 727 -9.61 -0.24 -25.05
N ASP A 728 -10.34 -1.35 -25.24
CA ASP A 728 -11.78 -1.31 -25.14
C ASP A 728 -12.17 -2.53 -24.31
N THR A 729 -13.45 -2.60 -23.86
CA THR A 729 -13.95 -3.73 -23.09
C THR A 729 -14.34 -4.85 -24.04
N ILE A 730 -14.18 -6.13 -23.58
CA ILE A 730 -14.63 -7.34 -24.31
C ILE A 730 -16.11 -7.12 -24.69
N ALA A 731 -16.92 -6.60 -23.76
CA ALA A 731 -18.34 -6.30 -23.99
C ALA A 731 -18.58 -5.40 -25.21
N ASN A 732 -17.83 -4.27 -25.33
CA ASN A 732 -17.94 -3.32 -26.45
C ASN A 732 -17.54 -3.89 -27.78
N ILE A 733 -16.43 -4.62 -27.83
CA ILE A 733 -15.97 -5.30 -29.03
C ILE A 733 -16.97 -6.35 -29.43
N GLN A 734 -17.51 -7.10 -28.44
CA GLN A 734 -18.50 -8.15 -28.67
C GLN A 734 -19.88 -7.63 -29.08
N LEU A 735 -20.14 -6.30 -29.06
CA LEU A 735 -21.44 -5.75 -29.51
C LEU A 735 -21.68 -6.10 -31.00
N ASN A 736 -20.58 -6.35 -31.73
CA ASN A 736 -20.54 -6.76 -33.13
C ASN A 736 -21.29 -5.78 -34.07
N LYS A 737 -21.09 -4.47 -33.84
CA LYS A 737 -21.70 -3.36 -34.59
C LYS A 737 -21.47 -3.50 -36.10
N SER A 738 -22.45 -3.04 -36.89
CA SER A 738 -22.33 -3.01 -38.35
C SER A 738 -21.44 -1.81 -38.76
N ASN A 739 -20.94 -1.83 -40.02
CA ASN A 739 -20.08 -0.79 -40.63
C ASN A 739 -18.76 -0.59 -39.87
N MET A 740 -18.16 -1.72 -39.46
CA MET A 740 -16.89 -1.75 -38.73
C MET A 740 -15.94 -2.77 -39.36
N ALA A 741 -14.62 -2.58 -39.18
CA ALA A 741 -13.59 -3.48 -39.69
C ALA A 741 -13.56 -4.83 -38.93
N ALA A 742 -14.29 -4.92 -37.80
CA ALA A 742 -14.37 -6.10 -36.93
C ALA A 742 -15.72 -6.89 -37.03
N THR A 743 -16.71 -6.41 -37.84
CA THR A 743 -18.02 -7.08 -37.99
C THR A 743 -17.84 -8.56 -38.32
N ALA A 744 -18.60 -9.45 -37.63
CA ALA A 744 -18.44 -10.89 -37.72
C ALA A 744 -19.65 -11.70 -38.20
N ALA A 745 -19.36 -12.87 -38.83
CA ALA A 745 -20.28 -13.90 -39.31
C ALA A 745 -20.79 -14.74 -38.13
N PHE A 746 -19.92 -14.95 -37.12
CA PHE A 746 -20.18 -15.64 -35.85
C PHE A 746 -19.63 -14.74 -34.74
N ASN A 747 -20.36 -14.53 -33.59
CA ASN A 747 -19.91 -13.67 -32.48
C ASN A 747 -18.54 -14.09 -31.89
N LYS A 748 -18.20 -15.37 -32.00
CA LYS A 748 -16.91 -15.92 -31.59
C LYS A 748 -15.77 -15.32 -32.44
N ASP A 749 -16.07 -14.77 -33.62
CA ASP A 749 -15.04 -14.21 -34.49
C ASP A 749 -14.66 -12.79 -34.07
N ALA A 750 -15.60 -12.02 -33.51
CA ALA A 750 -15.49 -10.60 -33.17
C ALA A 750 -14.17 -10.17 -32.54
N LEU A 751 -13.81 -10.73 -31.36
CA LEU A 751 -12.59 -10.43 -30.63
C LEU A 751 -11.36 -10.58 -31.57
N LEU A 752 -11.28 -11.72 -32.30
CA LEU A 752 -10.22 -12.03 -33.27
C LEU A 752 -10.20 -11.08 -34.48
N ASN A 753 -11.36 -10.71 -35.03
CA ASN A 753 -11.48 -9.74 -36.14
C ASN A 753 -10.99 -8.37 -35.68
N TRP A 754 -11.33 -7.99 -34.44
CA TRP A 754 -10.95 -6.73 -33.84
C TRP A 754 -9.45 -6.72 -33.76
N LEU A 755 -8.86 -7.81 -33.24
CA LEU A 755 -7.43 -8.04 -33.12
C LEU A 755 -6.71 -7.92 -34.45
N LYS A 756 -7.32 -8.52 -35.50
CA LYS A 756 -6.85 -8.52 -36.89
C LYS A 756 -6.90 -7.11 -37.50
N SER A 757 -7.98 -6.34 -37.22
CA SER A 757 -8.17 -4.98 -37.72
C SER A 757 -7.14 -4.02 -37.20
N LYS A 758 -6.71 -4.24 -35.94
CA LYS A 758 -5.75 -3.41 -35.26
C LYS A 758 -4.32 -3.86 -35.56
N ASN A 759 -4.15 -5.13 -35.91
CA ASN A 759 -2.84 -5.70 -36.17
C ASN A 759 -2.79 -6.35 -37.54
N PRO A 760 -2.49 -5.55 -38.60
CA PRO A 760 -2.46 -6.12 -39.96
C PRO A 760 -1.16 -6.85 -40.26
N GLY A 761 -1.22 -7.81 -41.18
CA GLY A 761 -0.09 -8.62 -41.61
C GLY A 761 0.48 -9.49 -40.51
N GLU A 762 1.82 -9.52 -40.41
CA GLU A 762 2.61 -10.29 -39.43
C GLU A 762 2.36 -9.91 -37.97
N ALA A 763 1.77 -8.72 -37.73
CA ALA A 763 1.46 -8.15 -36.41
C ALA A 763 0.45 -8.96 -35.60
N LEU A 764 -0.48 -9.70 -36.25
CA LEU A 764 -1.48 -10.52 -35.58
C LEU A 764 -0.89 -11.61 -34.69
N ASP A 765 0.21 -12.23 -35.13
CA ASP A 765 0.88 -13.26 -34.36
C ASP A 765 1.38 -12.76 -33.03
N ARG A 766 2.03 -11.58 -33.01
CA ARG A 766 2.51 -10.98 -31.78
C ARG A 766 1.32 -10.61 -30.88
N ALA A 767 0.20 -10.12 -31.47
CA ALA A 767 -1.01 -9.71 -30.73
C ALA A 767 -1.69 -10.92 -30.03
N ILE A 768 -1.79 -12.06 -30.75
CA ILE A 768 -2.31 -13.34 -30.23
C ILE A 768 -1.42 -13.89 -29.08
N GLU A 769 -0.11 -13.57 -29.13
CA GLU A 769 0.88 -13.98 -28.15
C GLU A 769 0.85 -13.06 -26.92
N GLU A 770 0.65 -11.74 -27.13
CA GLU A 770 0.47 -10.78 -26.04
C GLU A 770 -0.81 -11.17 -25.25
N PHE A 771 -1.87 -11.51 -25.99
CA PHE A 771 -3.15 -11.97 -25.49
C PHE A 771 -3.00 -13.17 -24.60
N THR A 772 -2.29 -14.19 -25.10
CA THR A 772 -2.01 -15.51 -24.49
C THR A 772 -1.25 -15.34 -23.19
N LEU A 773 -0.21 -14.51 -23.23
CA LEU A 773 0.68 -14.24 -22.11
C LEU A 773 -0.08 -13.52 -20.98
N SER A 774 -0.74 -12.37 -21.30
CA SER A 774 -1.55 -11.57 -20.34
C SER A 774 -2.71 -12.39 -19.78
N CYS A 775 -3.41 -13.12 -20.64
CA CYS A 775 -4.49 -14.02 -20.23
C CYS A 775 -4.04 -15.03 -19.12
N ALA A 776 -2.93 -15.78 -19.38
CA ALA A 776 -2.31 -16.69 -18.43
C ALA A 776 -2.01 -15.98 -17.11
N GLY A 777 -1.45 -14.77 -17.17
CA GLY A 777 -1.18 -13.94 -16.00
C GLY A 777 -2.44 -13.57 -15.22
N TYR A 778 -3.54 -13.15 -15.93
CA TYR A 778 -4.77 -12.71 -15.26
C TYR A 778 -5.60 -13.89 -14.76
N CYS A 779 -5.56 -15.06 -15.45
CA CYS A 779 -6.25 -16.29 -15.03
C CYS A 779 -5.67 -16.69 -13.66
N VAL A 780 -4.32 -16.55 -13.52
CA VAL A 780 -3.57 -16.89 -12.31
C VAL A 780 -3.80 -15.84 -11.23
N ALA A 781 -3.65 -14.55 -11.56
CA ALA A 781 -3.86 -13.43 -10.62
C ALA A 781 -5.26 -13.45 -10.02
N THR A 782 -6.30 -13.61 -10.86
CA THR A 782 -7.70 -13.65 -10.37
C THR A 782 -7.98 -14.95 -9.61
N TYR A 783 -7.30 -16.06 -9.94
CA TYR A 783 -7.47 -17.33 -9.23
C TYR A 783 -6.83 -17.30 -7.83
N VAL A 784 -5.55 -16.83 -7.75
CA VAL A 784 -4.81 -16.70 -6.52
C VAL A 784 -5.53 -15.69 -5.57
N LEU A 785 -5.96 -14.57 -6.10
CA LEU A 785 -6.62 -13.54 -5.31
C LEU A 785 -8.12 -13.71 -5.16
N GLY A 786 -8.68 -14.75 -5.80
CA GLY A 786 -10.12 -15.04 -5.76
C GLY A 786 -11.02 -13.93 -6.22
N ILE A 787 -10.63 -13.23 -7.30
CA ILE A 787 -11.38 -12.10 -7.86
C ILE A 787 -12.53 -12.61 -8.74
N GLY A 788 -13.74 -12.50 -8.20
CA GLY A 788 -14.99 -12.88 -8.85
C GLY A 788 -15.70 -11.71 -9.49
N ASP A 789 -16.95 -11.94 -9.93
CA ASP A 789 -17.79 -10.98 -10.66
C ASP A 789 -17.06 -10.53 -11.97
N ARG A 790 -16.39 -11.50 -12.62
CA ARG A 790 -15.67 -11.31 -13.87
C ARG A 790 -16.64 -11.56 -15.03
N HIS A 791 -16.82 -10.51 -15.86
CA HIS A 791 -17.69 -10.48 -17.04
C HIS A 791 -17.11 -9.58 -18.14
N SER A 792 -17.57 -9.75 -19.39
CA SER A 792 -17.10 -9.02 -20.57
C SER A 792 -16.99 -7.49 -20.37
N ASP A 793 -17.82 -6.89 -19.48
CA ASP A 793 -17.80 -5.44 -19.16
C ASP A 793 -16.62 -5.02 -18.20
N ASN A 794 -15.94 -5.98 -17.57
CA ASN A 794 -14.85 -5.57 -16.68
C ASN A 794 -13.53 -6.26 -17.06
N ILE A 795 -13.51 -6.83 -18.27
CA ILE A 795 -12.34 -7.39 -18.92
C ILE A 795 -12.08 -6.50 -20.12
N MET A 796 -10.85 -5.98 -20.19
CA MET A 796 -10.38 -5.13 -21.27
C MET A 796 -9.22 -5.78 -22.09
N ILE A 797 -9.22 -5.44 -23.36
CA ILE A 797 -8.21 -5.79 -24.33
C ILE A 797 -7.63 -4.51 -24.95
N ARG A 798 -6.29 -4.43 -24.96
CA ARG A 798 -5.47 -3.41 -25.59
C ARG A 798 -5.28 -3.78 -27.04
N GLU A 799 -5.04 -2.76 -27.89
CA GLU A 799 -4.81 -2.92 -29.31
C GLU A 799 -3.60 -3.75 -29.70
N SER A 800 -2.68 -3.93 -28.75
CA SER A 800 -1.49 -4.75 -28.86
C SER A 800 -1.86 -6.26 -28.67
N GLY A 801 -3.08 -6.51 -28.19
CA GLY A 801 -3.60 -7.84 -27.88
C GLY A 801 -3.62 -8.11 -26.39
N GLN A 802 -2.96 -7.23 -25.61
CA GLN A 802 -2.87 -7.34 -24.16
C GLN A 802 -4.21 -7.26 -23.42
N LEU A 803 -4.48 -8.26 -22.55
CA LEU A 803 -5.68 -8.35 -21.75
C LEU A 803 -5.43 -7.88 -20.35
N PHE A 804 -6.45 -7.25 -19.71
CA PHE A 804 -6.32 -6.78 -18.32
C PHE A 804 -7.71 -6.58 -17.66
N HIS A 805 -7.73 -6.44 -16.32
CA HIS A 805 -8.99 -6.33 -15.58
C HIS A 805 -9.25 -4.97 -14.96
N ILE A 806 -10.51 -4.59 -14.94
CA ILE A 806 -10.95 -3.32 -14.34
C ILE A 806 -12.02 -3.61 -13.31
N ASP A 807 -12.44 -2.56 -12.56
CA ASP A 807 -13.56 -2.53 -11.59
C ASP A 807 -13.66 -3.74 -10.71
N PHE A 808 -12.90 -3.70 -9.62
CA PHE A 808 -12.75 -4.80 -8.69
C PHE A 808 -13.63 -4.70 -7.46
N GLY A 809 -14.74 -5.41 -7.49
CA GLY A 809 -15.64 -5.40 -6.35
C GLY A 809 -15.15 -6.37 -5.28
N HIS A 810 -15.52 -7.63 -5.45
CA HIS A 810 -15.21 -8.69 -4.52
C HIS A 810 -13.90 -9.41 -4.82
N PHE A 811 -13.15 -9.74 -3.74
CA PHE A 811 -11.89 -10.49 -3.80
C PHE A 811 -11.74 -11.34 -2.53
N LEU A 812 -11.05 -12.48 -2.65
CA LEU A 812 -10.82 -13.49 -1.61
C LEU A 812 -12.13 -14.24 -1.29
N GLY A 813 -12.85 -14.61 -2.35
CA GLY A 813 -14.07 -15.41 -2.29
C GLY A 813 -15.38 -14.68 -2.04
N ASN A 814 -15.45 -13.95 -0.89
CA ASN A 814 -16.58 -13.20 -0.31
C ASN A 814 -17.54 -12.60 -1.33
N GLU A 824 -17.73 -17.32 -2.33
CA GLU A 824 -16.70 -18.10 -1.63
C GLU A 824 -15.99 -19.04 -2.62
N ARG A 825 -14.73 -19.42 -2.32
CA ARG A 825 -13.89 -20.32 -3.14
C ARG A 825 -14.17 -20.18 -4.66
N VAL A 826 -13.84 -18.97 -5.20
CA VAL A 826 -13.98 -18.58 -6.62
C VAL A 826 -13.08 -19.54 -7.43
N PRO A 827 -13.63 -20.32 -8.37
CA PRO A 827 -12.78 -21.30 -9.09
C PRO A 827 -11.94 -20.68 -10.21
N PHE A 828 -10.99 -21.47 -10.76
CA PHE A 828 -10.13 -21.08 -11.89
C PHE A 828 -11.07 -20.96 -13.10
N ILE A 829 -11.13 -19.77 -13.73
CA ILE A 829 -12.05 -19.59 -14.84
C ILE A 829 -11.29 -19.48 -16.17
N LEU A 830 -11.68 -20.38 -17.10
CA LEU A 830 -11.24 -20.40 -18.49
C LEU A 830 -12.47 -20.05 -19.31
N THR A 831 -12.37 -19.01 -20.15
CA THR A 831 -13.50 -18.61 -20.97
C THR A 831 -13.19 -18.93 -22.40
N TYR A 832 -14.17 -19.53 -23.10
CA TYR A 832 -14.11 -19.97 -24.49
C TYR A 832 -13.70 -18.89 -25.50
N ASP A 833 -14.13 -17.64 -25.31
CA ASP A 833 -13.80 -16.56 -26.27
C ASP A 833 -12.33 -16.26 -26.38
N PHE A 834 -11.64 -16.33 -25.23
CA PHE A 834 -10.22 -16.10 -25.05
C PHE A 834 -9.43 -17.39 -25.47
N VAL A 835 -10.00 -18.58 -25.22
CA VAL A 835 -9.44 -19.87 -25.64
C VAL A 835 -9.47 -19.92 -27.17
N HIS A 836 -10.54 -19.31 -27.77
CA HIS A 836 -10.72 -19.19 -29.22
C HIS A 836 -9.59 -18.38 -29.85
N VAL A 837 -9.19 -17.23 -29.22
CA VAL A 837 -8.08 -16.37 -29.64
C VAL A 837 -6.71 -17.12 -29.44
N ILE A 838 -6.52 -17.78 -28.28
CA ILE A 838 -5.29 -18.52 -27.97
C ILE A 838 -5.05 -19.59 -29.02
N GLN A 839 -6.13 -20.27 -29.44
CA GLN A 839 -6.11 -21.34 -30.44
C GLN A 839 -6.13 -20.82 -31.91
N GLN A 840 -5.93 -19.49 -32.09
CA GLN A 840 -5.86 -18.74 -33.36
C GLN A 840 -7.12 -18.88 -34.22
N GLY A 841 -8.27 -19.07 -33.57
CA GLY A 841 -9.57 -19.19 -34.24
C GLY A 841 -9.92 -20.61 -34.64
N LYS A 842 -8.97 -21.55 -34.44
CA LYS A 842 -9.16 -22.97 -34.79
C LYS A 842 -9.91 -23.66 -33.67
N THR A 843 -10.77 -24.67 -34.02
CA THR A 843 -11.54 -25.50 -33.07
C THR A 843 -10.54 -26.29 -32.22
N ASN A 844 -9.46 -26.76 -32.86
CA ASN A 844 -8.40 -27.50 -32.17
C ASN A 844 -7.02 -26.88 -32.45
N ASN A 845 -6.25 -26.64 -31.38
CA ASN A 845 -4.89 -26.11 -31.43
C ASN A 845 -4.20 -26.45 -30.10
N SER A 846 -3.80 -27.74 -29.96
CA SER A 846 -3.14 -28.25 -28.76
C SER A 846 -1.83 -27.62 -28.61
N GLU A 847 -1.16 -27.27 -29.72
CA GLU A 847 0.14 -26.61 -29.74
C GLU A 847 0.06 -25.31 -28.94
N LYS A 848 -0.86 -24.42 -29.36
CA LYS A 848 -1.07 -23.13 -28.74
C LYS A 848 -1.77 -23.21 -27.39
N PHE A 849 -2.76 -24.09 -27.23
CA PHE A 849 -3.46 -24.26 -25.96
C PHE A 849 -2.54 -24.76 -24.85
N GLU A 850 -1.72 -25.78 -25.12
CA GLU A 850 -0.87 -26.31 -24.07
C GLU A 850 0.33 -25.41 -23.73
N ARG A 851 0.74 -24.54 -24.67
CA ARG A 851 1.79 -23.52 -24.47
C ARG A 851 1.24 -22.51 -23.45
N PHE A 852 -0.08 -22.28 -23.53
CA PHE A 852 -0.85 -21.43 -22.64
C PHE A 852 -0.93 -22.00 -21.20
N ARG A 853 -1.27 -23.30 -21.06
CA ARG A 853 -1.33 -24.04 -19.78
C ARG A 853 0.06 -24.01 -19.10
N GLY A 854 1.13 -24.11 -19.90
CA GLY A 854 2.50 -24.00 -19.44
C GLY A 854 2.75 -22.64 -18.81
N TYR A 855 2.33 -21.53 -19.51
CA TYR A 855 2.46 -20.18 -18.95
C TYR A 855 1.74 -20.08 -17.65
N CYS A 856 0.52 -20.68 -17.55
CA CYS A 856 -0.29 -20.69 -16.31
C CYS A 856 0.39 -21.40 -15.15
N GLU A 857 0.88 -22.62 -15.39
CA GLU A 857 1.57 -23.44 -14.40
C GLU A 857 2.84 -22.78 -13.93
N ARG A 858 3.69 -22.30 -14.89
CA ARG A 858 4.94 -21.58 -14.59
C ARG A 858 4.63 -20.40 -13.65
N ALA A 859 3.59 -19.58 -14.01
CA ALA A 859 3.16 -18.40 -13.22
C ALA A 859 2.74 -18.76 -11.83
N TYR A 860 1.90 -19.82 -11.70
CA TYR A 860 1.36 -20.32 -10.45
C TYR A 860 2.47 -20.79 -9.47
N THR A 861 3.41 -21.63 -9.94
CA THR A 861 4.53 -22.17 -9.18
C THR A 861 5.57 -21.10 -8.76
N ILE A 862 5.65 -19.95 -9.47
CA ILE A 862 6.54 -18.85 -9.09
C ILE A 862 5.93 -18.12 -7.88
N LEU A 863 4.62 -17.87 -7.90
CA LEU A 863 3.91 -17.21 -6.79
C LEU A 863 4.04 -17.95 -5.48
N ARG A 864 3.84 -19.28 -5.51
CA ARG A 864 3.97 -20.21 -4.39
C ARG A 864 5.29 -20.08 -3.65
N ARG A 865 6.42 -19.96 -4.38
CA ARG A 865 7.75 -19.81 -3.75
C ARG A 865 7.87 -18.50 -2.97
N HIS A 866 6.92 -17.57 -3.17
CA HIS A 866 6.80 -16.27 -2.51
C HIS A 866 5.51 -16.24 -1.67
N GLY A 867 5.03 -17.41 -1.28
CA GLY A 867 3.81 -17.57 -0.49
C GLY A 867 3.81 -16.78 0.81
N LEU A 868 4.94 -16.81 1.54
CA LEU A 868 5.02 -16.04 2.78
C LEU A 868 5.01 -14.54 2.53
N LEU A 869 5.50 -14.07 1.36
CA LEU A 869 5.47 -12.64 1.05
C LEU A 869 4.01 -12.14 1.00
N PHE A 870 3.15 -12.79 0.21
CA PHE A 870 1.74 -12.43 0.15
C PHE A 870 1.06 -12.54 1.48
N LEU A 871 1.33 -13.63 2.22
CA LEU A 871 0.79 -13.85 3.57
C LEU A 871 1.19 -12.78 4.53
N HIS A 872 2.49 -12.40 4.56
CA HIS A 872 2.98 -11.33 5.46
C HIS A 872 2.39 -10.00 5.10
N LEU A 873 2.22 -9.74 3.78
CA LEU A 873 1.63 -8.51 3.27
C LEU A 873 0.17 -8.40 3.60
N PHE A 874 -0.64 -9.45 3.29
CA PHE A 874 -2.08 -9.47 3.58
C PHE A 874 -2.41 -9.38 5.08
N ALA A 875 -1.51 -9.93 5.96
CA ALA A 875 -1.65 -9.85 7.41
C ALA A 875 -1.55 -8.40 7.89
N LEU A 876 -0.62 -7.61 7.31
CA LEU A 876 -0.43 -6.20 7.66
C LEU A 876 -1.61 -5.35 7.22
N MET A 877 -2.32 -5.80 6.15
CA MET A 877 -3.48 -5.11 5.56
C MET A 877 -4.74 -5.29 6.37
N ARG A 878 -4.72 -6.14 7.39
CA ARG A 878 -5.88 -6.36 8.25
C ARG A 878 -6.23 -5.05 8.97
N ALA A 879 -5.22 -4.18 9.18
CA ALA A 879 -5.32 -2.86 9.81
C ALA A 879 -6.08 -1.85 8.92
N ALA A 880 -6.13 -2.09 7.58
CA ALA A 880 -6.73 -1.23 6.55
C ALA A 880 -8.19 -0.80 6.79
N GLY A 881 -9.02 -1.72 7.30
CA GLY A 881 -10.44 -1.49 7.51
C GLY A 881 -11.27 -1.86 6.30
N LEU A 882 -10.84 -2.91 5.55
CA LEU A 882 -11.54 -3.44 4.36
C LEU A 882 -12.50 -4.54 4.80
N PRO A 883 -13.84 -4.40 4.61
CA PRO A 883 -14.76 -5.46 5.05
C PRO A 883 -14.46 -6.89 4.56
N GLU A 884 -13.78 -7.00 3.39
CA GLU A 884 -13.42 -8.28 2.79
C GLU A 884 -12.00 -8.73 3.17
N LEU A 885 -11.39 -8.03 4.14
CA LEU A 885 -10.10 -8.35 4.75
C LEU A 885 -10.19 -8.00 6.25
N SER A 886 -10.94 -8.83 7.01
CA SER A 886 -11.22 -8.60 8.44
C SER A 886 -10.88 -9.77 9.42
N CYS A 887 -10.44 -10.95 8.93
CA CYS A 887 -10.11 -12.12 9.79
C CYS A 887 -9.10 -13.11 9.16
N SER A 888 -8.88 -14.25 9.85
CA SER A 888 -7.98 -15.35 9.47
C SER A 888 -8.52 -16.11 8.26
N LYS A 889 -9.86 -16.16 8.12
CA LYS A 889 -10.62 -16.80 7.04
C LYS A 889 -10.18 -16.30 5.66
N ASP A 890 -9.90 -14.98 5.54
CA ASP A 890 -9.47 -14.32 4.30
C ASP A 890 -8.04 -14.73 3.95
N ILE A 891 -7.14 -14.76 4.96
CA ILE A 891 -5.73 -15.13 4.80
C ILE A 891 -5.63 -16.64 4.52
N GLN A 892 -6.62 -17.42 5.00
CA GLN A 892 -6.69 -18.85 4.76
C GLN A 892 -6.90 -19.10 3.25
N TYR A 893 -7.75 -18.28 2.62
CA TYR A 893 -8.08 -18.31 1.20
C TYR A 893 -6.81 -18.31 0.36
N LEU A 894 -5.84 -17.43 0.70
CA LEU A 894 -4.55 -17.31 0.03
C LEU A 894 -3.77 -18.59 0.16
N LYS A 895 -3.63 -19.09 1.41
CA LYS A 895 -2.95 -20.34 1.78
C LYS A 895 -3.53 -21.49 0.98
N ASP A 896 -4.87 -21.48 0.76
CA ASP A 896 -5.57 -22.50 -0.01
C ASP A 896 -5.36 -22.36 -1.51
N SER A 897 -5.56 -21.14 -2.07
CA SER A 897 -5.38 -20.84 -3.50
C SER A 897 -3.96 -21.14 -3.96
N LEU A 898 -2.96 -20.83 -3.11
CA LEU A 898 -1.56 -21.11 -3.38
C LEU A 898 -1.11 -22.49 -2.93
N ALA A 899 -2.04 -23.33 -2.38
CA ALA A 899 -1.81 -24.70 -1.87
C ALA A 899 -0.51 -24.74 -1.04
N LEU A 900 -0.39 -23.75 -0.13
CA LEU A 900 0.80 -23.49 0.67
C LEU A 900 1.23 -24.64 1.60
N GLY A 901 0.30 -25.55 1.91
CA GLY A 901 0.57 -26.74 2.70
C GLY A 901 1.31 -27.84 1.96
N LYS A 902 0.90 -28.12 0.69
CA LYS A 902 1.42 -29.16 -0.19
C LYS A 902 2.82 -28.86 -0.75
N THR A 903 3.51 -29.93 -1.27
CA THR A 903 4.80 -29.80 -1.96
C THR A 903 4.47 -29.26 -3.38
N GLU A 904 5.49 -28.89 -4.18
CA GLU A 904 5.26 -28.36 -5.53
C GLU A 904 4.64 -29.39 -6.47
N GLU A 905 5.03 -30.68 -6.35
CA GLU A 905 4.47 -31.78 -7.14
C GLU A 905 2.97 -31.97 -6.81
N GLU A 906 2.62 -31.78 -5.53
CA GLU A 906 1.26 -31.93 -5.03
C GLU A 906 0.39 -30.74 -5.40
N ALA A 907 0.92 -29.51 -5.24
CA ALA A 907 0.22 -28.25 -5.54
C ALA A 907 -0.06 -28.11 -7.03
N LEU A 908 0.92 -28.50 -7.88
CA LEU A 908 0.87 -28.52 -9.35
C LEU A 908 -0.24 -29.46 -9.84
N LYS A 909 -0.37 -30.65 -9.22
CA LYS A 909 -1.38 -31.67 -9.53
C LYS A 909 -2.77 -31.13 -9.15
N HIS A 910 -2.86 -30.41 -8.02
CA HIS A 910 -4.09 -29.80 -7.54
C HIS A 910 -4.51 -28.69 -8.50
N PHE A 911 -3.52 -27.88 -8.96
CA PHE A 911 -3.73 -26.79 -9.92
C PHE A 911 -4.17 -27.31 -11.29
N ARG A 912 -3.64 -28.48 -11.72
CA ARG A 912 -3.97 -29.13 -12.99
C ARG A 912 -5.40 -29.70 -12.98
N VAL A 913 -5.89 -30.11 -11.79
CA VAL A 913 -7.25 -30.64 -11.58
C VAL A 913 -8.22 -29.46 -11.75
N LYS A 914 -7.93 -28.32 -11.08
CA LYS A 914 -8.72 -27.10 -11.14
C LYS A 914 -8.64 -26.49 -12.54
N PHE A 915 -7.47 -26.58 -13.20
CA PHE A 915 -7.31 -26.08 -14.57
C PHE A 915 -8.15 -26.90 -15.54
N ASN A 916 -8.08 -28.25 -15.45
CA ASN A 916 -8.87 -29.15 -16.30
C ASN A 916 -10.36 -28.97 -16.03
N GLU A 917 -10.75 -28.83 -14.73
CA GLU A 917 -12.12 -28.54 -14.30
C GLU A 917 -12.65 -27.27 -15.00
N ALA A 918 -11.76 -26.24 -15.13
CA ALA A 918 -12.02 -24.94 -15.76
C ALA A 918 -12.15 -25.04 -17.28
N LEU A 919 -11.39 -25.96 -17.88
CA LEU A 919 -11.44 -26.24 -19.32
C LEU A 919 -12.77 -26.95 -19.66
N ARG A 920 -13.20 -27.91 -18.80
CA ARG A 920 -14.45 -28.67 -18.90
C ARG A 920 -15.66 -27.75 -18.77
N GLU A 921 -15.53 -26.66 -17.98
CA GLU A 921 -16.54 -25.62 -17.77
C GLU A 921 -16.55 -24.67 -18.97
N SER A 922 -15.38 -24.51 -19.65
CA SER A 922 -15.23 -23.71 -20.87
C SER A 922 -15.81 -24.51 -22.06
N TRP A 923 -15.77 -25.85 -21.98
CA TRP A 923 -16.26 -26.77 -23.00
C TRP A 923 -17.79 -26.79 -23.12
N LYS A 924 -18.50 -26.14 -22.18
CA LYS A 924 -19.96 -26.01 -22.19
C LYS A 924 -20.34 -25.13 -23.40
N THR A 925 -19.56 -24.04 -23.65
CA THR A 925 -19.74 -23.12 -24.77
C THR A 925 -19.11 -23.73 -26.04
N LYS A 926 -18.14 -24.67 -25.90
CA LYS A 926 -17.53 -25.36 -27.04
C LYS A 926 -18.55 -26.35 -27.64
N VAL A 927 -19.24 -27.14 -26.77
CA VAL A 927 -20.29 -28.11 -27.12
C VAL A 927 -21.49 -27.36 -27.77
N ASN A 928 -21.90 -26.22 -27.18
CA ASN A 928 -22.99 -25.41 -27.71
C ASN A 928 -22.46 -24.23 -28.50
C2 VVX B . -13.92 8.13 -23.83
C1 VVX B . -14.41 7.00 -24.73
C VVX B . -13.97 7.23 -26.18
N VVX B . -14.00 5.67 -24.22
C25 VVX B . -14.60 5.32 -22.92
C24 VVX B . -13.89 4.14 -22.29
N1 VVX B . -13.97 2.96 -23.17
C4 VVX B . -13.35 3.29 -24.47
C3 VVX B . -14.04 4.49 -25.11
C5 VVX B . -13.32 1.79 -22.57
C6 VVX B . -13.52 1.58 -21.11
O VVX B . -12.42 1.82 -20.31
C8 VVX B . -12.87 1.56 -19.02
N2 VVX B . -14.12 1.18 -18.99
C7 VVX B . -14.52 1.20 -20.30
C9 VVX B . -11.93 1.72 -17.90
C15 VVX B . -10.56 2.04 -18.08
C14 VVX B . -9.69 2.31 -19.15
N4 VVX B . -8.47 2.56 -18.73
N3 VVX B . -8.52 2.48 -17.37
C13 VVX B . -9.77 2.17 -16.93
C12 VVX B . -10.26 1.99 -15.65
C11 VVX B . -11.62 1.66 -15.47
C10 VVX B . -12.43 1.53 -16.60
C16 VVX B . -12.17 1.46 -14.10
C23 VVX B . -11.48 0.81 -13.07
C22 VVX B . -10.18 0.20 -12.99
C21 VVX B . -10.05 -0.28 -11.73
N5 VVX B . -11.18 -0.01 -11.00
C20 VVX B . -12.07 0.66 -11.81
C19 VVX B . -13.35 1.15 -11.53
C18 VVX B . -14.03 1.80 -12.57
C17 VVX B . -13.45 1.95 -13.82
#